data_1AGR
#
_entry.id   1AGR
#
_cell.length_a   164.000
_cell.length_b   97.200
_cell.length_c   110.000
_cell.angle_alpha   90.00
_cell.angle_beta   90.00
_cell.angle_gamma   90.00
#
_symmetry.space_group_name_H-M   'P 21 21 2'
#
loop_
_entity.id
_entity.type
_entity.pdbx_description
1 polymer 'GUANINE NUCLEOTIDE-BINDING PROTEIN G(I)'
2 polymer RGS4
3 non-polymer 'MAGNESIUM ION'
4 non-polymer 'TETRAFLUOROALUMINATE ION'
5 non-polymer "GUANOSINE-5'-DIPHOSPHATE"
6 non-polymer 'CITRIC ACID'
7 water water
#
loop_
_entity_poly.entity_id
_entity_poly.type
_entity_poly.pdbx_seq_one_letter_code
_entity_poly.pdbx_strand_id
1 'polypeptide(L)'
;GCTLSAEDKAAVERSKMIDRNLREDGEKAAREVKLLLLGAGESGKSTIVKQMKIIHEAGYSEEECKQYKAVVYSNTIQSI
IAIIRAMGRLKIDFGDAARADDARQLFVLAGAAEEGFMTAELAGVIKRLWKDSGVQACFNRSREYQLNDSAAYYLNDLDR
IAQPNYIPTQQDVLRTRVKTTGIVETHFTFKDLHFKMFDVGGQRSERKKWIHCFEGVTAIIFCVALSDYDLVLAEDEEMN
RMHESMKLFDSICNNKWFTDTSIILFLNKKDLFEEKIKKSPLTICYPEYAGSNTYEEAAAYIQCQFEDLNKRKDTKEIYT
HFTCATDTKNVQFVFDAVTDVIIKNNLKDCGLF
;
A,D
2 'polypeptide(L)'
;MCKGLAGLPASCLRSAKDMKHRLGFLLQKSDSCEHSSSHSKKDKVVTCQRVSQEEVKKWAESLENLINHECGLAAFKAFL
KSEYSEENIDFWISCEEYKKIKSPSKLSPKAKKIYNEFISVQATKEVNLDSCTREETSRNMLEPTITCFDEAQKKIFNLM
EKDSYRRFLKSRFYLDLTNPSSCGAEKQKGAKSSADCTSLVPQCA
;
E,H
#
loop_
_chem_comp.id
_chem_comp.type
_chem_comp.name
_chem_comp.formula
ALF non-polymer 'TETRAFLUOROALUMINATE ION' 'Al F4 -1'
CIT non-polymer 'CITRIC ACID' 'C6 H8 O7'
GDP RNA linking GUANOSINE-5'-DIPHOSPHATE 'C10 H15 N5 O11 P2'
MG non-polymer 'MAGNESIUM ION' 'Mg 2'
#
# COMPACT_ATOMS: atom_id res chain seq x y z
N LEU A 4 67.55 -22.39 -4.96
CA LEU A 4 66.73 -21.75 -3.89
C LEU A 4 65.47 -21.11 -4.44
N SER A 5 65.53 -20.59 -5.67
CA SER A 5 64.34 -20.03 -6.30
C SER A 5 63.29 -21.13 -6.30
N ALA A 6 63.76 -22.38 -6.35
CA ALA A 6 62.88 -23.55 -6.29
C ALA A 6 62.15 -23.66 -4.95
N GLU A 7 62.94 -23.60 -3.87
CA GLU A 7 62.39 -23.68 -2.51
C GLU A 7 61.45 -22.51 -2.26
N ASP A 8 61.88 -21.32 -2.70
CA ASP A 8 61.12 -20.10 -2.52
C ASP A 8 59.99 -19.96 -3.51
N LYS A 9 60.12 -20.58 -4.69
CA LYS A 9 59.04 -20.59 -5.66
C LYS A 9 58.02 -21.58 -5.16
N ALA A 10 58.51 -22.60 -4.48
CA ALA A 10 57.64 -23.58 -3.83
C ALA A 10 56.85 -22.81 -2.80
N ALA A 11 57.54 -22.15 -1.88
CA ALA A 11 56.91 -21.36 -0.83
C ALA A 11 55.89 -20.35 -1.38
N VAL A 12 56.28 -19.67 -2.42
CA VAL A 12 55.46 -18.65 -3.04
C VAL A 12 54.23 -19.26 -3.68
N GLU A 13 54.42 -20.45 -4.23
CA GLU A 13 53.33 -21.16 -4.88
C GLU A 13 52.35 -21.77 -3.88
N ARG A 14 52.85 -22.19 -2.73
CA ARG A 14 51.98 -22.73 -1.70
C ARG A 14 51.02 -21.64 -1.27
N SER A 15 51.58 -20.54 -0.77
CA SER A 15 50.80 -19.38 -0.34
C SER A 15 49.71 -18.98 -1.33
N LYS A 16 50.06 -18.94 -2.62
CA LYS A 16 49.07 -18.59 -3.63
C LYS A 16 47.90 -19.53 -3.48
N MET A 17 48.21 -20.81 -3.30
CA MET A 17 47.23 -21.90 -3.22
C MET A 17 46.36 -21.73 -1.98
N ILE A 18 47.01 -21.54 -0.84
CA ILE A 18 46.33 -21.31 0.42
C ILE A 18 45.30 -20.20 0.21
N ASP A 19 45.76 -19.01 -0.20
CA ASP A 19 44.92 -17.83 -0.47
C ASP A 19 43.77 -18.19 -1.40
N ARG A 20 44.10 -18.78 -2.53
CA ARG A 20 43.11 -19.08 -3.55
C ARG A 20 41.98 -19.90 -2.92
N ASN A 21 42.38 -20.77 -1.98
CA ASN A 21 41.48 -21.70 -1.33
C ASN A 21 40.66 -21.07 -0.21
N LEU A 22 41.30 -20.45 0.78
CA LEU A 22 40.53 -19.70 1.78
C LEU A 22 39.39 -18.89 1.16
N ARG A 23 39.65 -18.29 0.00
CA ARG A 23 38.67 -17.43 -0.63
C ARG A 23 37.59 -18.25 -1.31
N GLU A 24 38.00 -19.26 -2.08
CA GLU A 24 37.04 -20.12 -2.79
C GLU A 24 36.11 -20.85 -1.80
N ASP A 25 36.69 -21.34 -0.70
CA ASP A 25 35.87 -21.96 0.30
C ASP A 25 34.88 -20.95 0.83
N GLY A 26 35.38 -19.92 1.50
CA GLY A 26 34.51 -18.86 2.03
C GLY A 26 33.44 -18.37 1.06
N GLU A 27 33.83 -18.22 -0.20
CA GLU A 27 32.91 -17.73 -1.21
C GLU A 27 31.75 -18.70 -1.40
N LYS A 28 32.08 -20.00 -1.37
CA LYS A 28 31.09 -21.07 -1.56
C LYS A 28 30.15 -21.18 -0.35
N ALA A 29 30.74 -21.25 0.85
CA ALA A 29 29.99 -21.22 2.09
C ALA A 29 28.92 -20.15 2.01
N ALA A 30 29.36 -18.94 1.66
CA ALA A 30 28.47 -17.79 1.66
C ALA A 30 27.25 -17.98 0.78
N ARG A 31 27.37 -18.77 -0.29
CA ARG A 31 26.26 -18.96 -1.21
C ARG A 31 25.35 -20.04 -0.68
N GLU A 32 25.71 -20.58 0.46
CA GLU A 32 24.90 -21.62 1.09
C GLU A 32 24.01 -21.02 2.18
N VAL A 33 22.69 -21.07 1.95
CA VAL A 33 21.74 -20.45 2.87
C VAL A 33 20.68 -21.43 3.35
N LYS A 34 20.72 -21.73 4.65
CA LYS A 34 19.65 -22.48 5.29
C LYS A 34 18.63 -21.47 5.80
N LEU A 35 17.47 -21.46 5.18
CA LEU A 35 16.45 -20.50 5.53
C LEU A 35 15.24 -21.19 6.18
N LEU A 36 14.84 -20.70 7.36
CA LEU A 36 13.65 -21.19 8.04
C LEU A 36 12.52 -20.19 7.88
N LEU A 37 11.40 -20.62 7.33
CA LEU A 37 10.19 -19.79 7.43
C LEU A 37 9.43 -20.14 8.73
N LEU A 38 9.33 -19.17 9.63
CA LEU A 38 8.67 -19.39 10.90
C LEU A 38 7.44 -18.50 11.07
N GLY A 39 6.93 -18.43 12.29
CA GLY A 39 5.73 -17.65 12.55
C GLY A 39 4.50 -18.50 12.87
N ALA A 40 3.62 -17.94 13.70
CA ALA A 40 2.37 -18.56 14.09
C ALA A 40 1.59 -19.08 12.88
N GLY A 41 0.49 -19.77 13.13
CA GLY A 41 -0.19 -20.48 12.05
C GLY A 41 -1.08 -19.59 11.25
N GLU A 42 -1.22 -19.93 9.97
CA GLU A 42 -2.01 -19.13 9.04
C GLU A 42 -1.35 -17.78 8.74
N SER A 43 -0.08 -17.64 9.05
CA SER A 43 0.65 -16.39 8.81
C SER A 43 0.97 -16.11 7.35
N GLY A 44 1.32 -17.14 6.57
CA GLY A 44 1.65 -16.95 5.17
C GLY A 44 2.85 -17.75 4.67
N LYS A 45 3.58 -18.37 5.61
CA LYS A 45 4.77 -19.18 5.34
C LYS A 45 4.67 -20.10 4.14
N SER A 46 3.57 -20.80 4.00
CA SER A 46 3.46 -21.69 2.88
C SER A 46 3.24 -20.91 1.60
N THR A 47 2.58 -19.74 1.71
CA THR A 47 2.31 -18.88 0.53
C THR A 47 3.60 -18.24 -0.06
N ILE A 48 4.44 -17.73 0.83
CA ILE A 48 5.78 -17.33 0.45
C ILE A 48 6.42 -18.47 -0.31
N VAL A 49 6.47 -19.65 0.30
CA VAL A 49 7.05 -20.83 -0.34
C VAL A 49 6.49 -21.10 -1.74
N LYS A 50 5.20 -20.94 -1.94
CA LYS A 50 4.62 -21.14 -3.27
C LYS A 50 5.25 -20.10 -4.19
N GLN A 51 5.38 -18.87 -3.68
CA GLN A 51 6.01 -17.78 -4.44
C GLN A 51 7.42 -18.18 -4.88
N MET A 52 8.25 -18.71 -3.98
CA MET A 52 9.58 -19.11 -4.39
C MET A 52 9.42 -20.10 -5.51
N LYS A 53 8.34 -20.86 -5.45
CA LYS A 53 8.15 -21.91 -6.44
C LYS A 53 7.79 -21.28 -7.77
N ILE A 54 7.08 -20.16 -7.70
CA ILE A 54 6.63 -19.42 -8.86
C ILE A 54 7.71 -18.56 -9.51
N ILE A 55 8.42 -17.80 -8.69
CA ILE A 55 9.45 -16.89 -9.11
C ILE A 55 10.69 -17.62 -9.53
N HIS A 56 11.28 -18.37 -8.61
CA HIS A 56 12.55 -19.00 -8.89
C HIS A 56 12.51 -20.30 -9.64
N GLU A 57 11.67 -21.23 -9.22
CA GLU A 57 11.66 -22.50 -9.92
C GLU A 57 11.05 -22.50 -11.29
N ALA A 58 9.73 -22.51 -11.41
CA ALA A 58 9.14 -22.50 -12.74
C ALA A 58 7.74 -21.94 -12.75
N GLY A 59 7.11 -21.88 -11.59
CA GLY A 59 5.74 -21.42 -11.51
C GLY A 59 4.86 -22.65 -11.52
N TYR A 60 3.57 -22.44 -11.76
CA TYR A 60 2.64 -23.55 -11.80
C TYR A 60 2.15 -23.81 -13.19
N SER A 61 2.46 -25.02 -13.66
CA SER A 61 1.97 -25.50 -14.93
C SER A 61 0.46 -25.62 -14.83
N GLU A 62 -0.22 -25.64 -15.97
CA GLU A 62 -1.66 -25.75 -15.96
C GLU A 62 -2.10 -27.02 -15.25
N GLU A 63 -1.32 -28.10 -15.39
CA GLU A 63 -1.65 -29.36 -14.75
C GLU A 63 -1.55 -29.24 -13.24
N GLU A 64 -0.54 -28.50 -12.79
CA GLU A 64 -0.32 -28.26 -11.36
C GLU A 64 -1.46 -27.47 -10.76
N CYS A 65 -2.04 -26.56 -11.54
CA CYS A 65 -3.15 -25.74 -11.05
C CYS A 65 -4.43 -26.55 -10.93
N LYS A 66 -4.58 -27.56 -11.79
CA LYS A 66 -5.75 -28.44 -11.82
C LYS A 66 -5.86 -29.19 -10.50
N GLN A 67 -4.72 -29.73 -10.06
CA GLN A 67 -4.65 -30.42 -8.78
C GLN A 67 -5.07 -29.59 -7.56
N TYR A 68 -5.30 -28.30 -7.76
CA TYR A 68 -5.74 -27.41 -6.68
C TYR A 68 -7.21 -27.08 -6.79
N LYS A 69 -7.82 -27.43 -7.91
CA LYS A 69 -9.25 -27.22 -8.16
C LYS A 69 -10.07 -27.82 -7.00
N ALA A 70 -9.66 -29.02 -6.59
CA ALA A 70 -10.25 -29.71 -5.45
C ALA A 70 -10.15 -28.85 -4.19
N VAL A 71 -8.97 -28.25 -3.99
CA VAL A 71 -8.71 -27.44 -2.82
C VAL A 71 -9.49 -26.14 -2.86
N VAL A 72 -9.70 -25.60 -4.06
CA VAL A 72 -10.42 -24.35 -4.22
C VAL A 72 -11.84 -24.57 -3.70
N TYR A 73 -12.51 -25.58 -4.27
CA TYR A 73 -13.89 -25.97 -3.94
C TYR A 73 -14.05 -26.32 -2.46
N SER A 74 -13.16 -27.17 -1.98
CA SER A 74 -13.12 -27.53 -0.58
C SER A 74 -13.06 -26.26 0.25
N ASN A 75 -12.18 -25.35 -0.14
CA ASN A 75 -11.90 -24.09 0.58
C ASN A 75 -13.13 -23.22 0.63
N THR A 76 -13.82 -23.17 -0.51
CA THR A 76 -15.01 -22.36 -0.71
C THR A 76 -16.17 -22.88 0.12
N ILE A 77 -16.45 -24.17 -0.07
CA ILE A 77 -17.51 -24.87 0.65
C ILE A 77 -17.32 -24.73 2.16
N GLN A 78 -16.14 -25.08 2.66
CA GLN A 78 -15.89 -24.96 4.09
C GLN A 78 -16.14 -23.55 4.61
N SER A 79 -15.86 -22.58 3.76
CA SER A 79 -15.94 -21.17 4.14
C SER A 79 -17.36 -20.70 4.32
N ILE A 80 -18.23 -21.05 3.38
CA ILE A 80 -19.64 -20.68 3.50
C ILE A 80 -20.27 -21.41 4.70
N ILE A 81 -20.05 -22.72 4.78
CA ILE A 81 -20.47 -23.53 5.92
C ILE A 81 -20.01 -22.91 7.23
N ALA A 82 -18.77 -22.42 7.26
CA ALA A 82 -18.25 -21.84 8.48
C ALA A 82 -19.08 -20.61 8.87
N ILE A 83 -19.43 -19.81 7.88
CA ILE A 83 -20.18 -18.56 8.11
C ILE A 83 -21.58 -18.91 8.61
N ILE A 84 -22.21 -19.87 7.94
CA ILE A 84 -23.55 -20.34 8.27
C ILE A 84 -23.67 -20.90 9.70
N ARG A 85 -22.83 -21.88 10.03
CA ARG A 85 -22.77 -22.37 11.39
C ARG A 85 -22.62 -21.21 12.38
N ALA A 86 -21.89 -20.17 11.98
CA ALA A 86 -21.66 -19.02 12.85
C ALA A 86 -22.95 -18.26 13.07
N MET A 87 -23.83 -18.30 12.06
CA MET A 87 -25.14 -17.63 12.12
C MET A 87 -25.90 -18.18 13.29
N GLY A 88 -25.97 -19.52 13.37
CA GLY A 88 -26.59 -20.20 14.48
C GLY A 88 -26.04 -19.66 15.79
N ARG A 89 -24.78 -19.96 16.08
CA ARG A 89 -24.16 -19.56 17.34
C ARG A 89 -24.30 -18.09 17.67
N LEU A 90 -24.51 -17.25 16.66
CA LEU A 90 -24.52 -15.80 16.88
C LEU A 90 -25.87 -15.11 16.92
N LYS A 91 -26.91 -15.83 16.51
CA LYS A 91 -28.26 -15.26 16.49
C LYS A 91 -28.37 -14.29 15.33
N ILE A 92 -28.07 -14.80 14.13
CA ILE A 92 -28.15 -13.98 12.91
C ILE A 92 -29.08 -14.70 11.94
N ASP A 93 -30.27 -14.17 11.73
CA ASP A 93 -31.21 -14.82 10.83
C ASP A 93 -30.86 -14.50 9.38
N PHE A 94 -31.24 -15.38 8.47
CA PHE A 94 -31.03 -15.14 7.05
C PHE A 94 -31.79 -13.88 6.68
N GLY A 95 -31.57 -13.38 5.46
CA GLY A 95 -32.31 -12.21 5.01
C GLY A 95 -33.64 -12.70 4.48
N ASP A 96 -33.58 -13.44 3.38
CA ASP A 96 -34.73 -14.09 2.81
C ASP A 96 -34.83 -15.44 3.51
N ALA A 97 -35.98 -15.70 4.12
CA ALA A 97 -36.22 -16.95 4.85
C ALA A 97 -36.14 -18.20 3.96
N ALA A 98 -36.22 -18.00 2.64
CA ALA A 98 -36.06 -19.07 1.65
C ALA A 98 -34.67 -19.71 1.80
N ARG A 99 -33.73 -18.92 2.33
CA ARG A 99 -32.36 -19.36 2.59
C ARG A 99 -32.27 -20.64 3.38
N ALA A 100 -32.94 -20.66 4.54
CA ALA A 100 -32.88 -21.81 5.44
C ALA A 100 -32.96 -23.14 4.68
N ASP A 101 -33.69 -23.14 3.57
CA ASP A 101 -33.80 -24.34 2.75
C ASP A 101 -32.46 -24.55 2.06
N ASP A 102 -31.97 -23.51 1.41
CA ASP A 102 -30.64 -23.52 0.79
C ASP A 102 -29.57 -23.96 1.80
N ALA A 103 -29.58 -23.34 2.98
CA ALA A 103 -28.61 -23.67 3.99
C ALA A 103 -28.65 -25.16 4.31
N ARG A 104 -29.85 -25.71 4.49
CA ARG A 104 -29.99 -27.12 4.90
C ARG A 104 -29.51 -28.08 3.82
N GLN A 105 -29.80 -27.75 2.56
CA GLN A 105 -29.35 -28.58 1.45
C GLN A 105 -27.83 -28.49 1.29
N LEU A 106 -27.27 -27.34 1.66
CA LEU A 106 -25.83 -27.09 1.52
C LEU A 106 -25.01 -28.21 2.12
N PHE A 107 -25.46 -28.78 3.23
CA PHE A 107 -24.72 -29.87 3.84
C PHE A 107 -25.06 -31.20 3.18
N VAL A 108 -26.31 -31.39 2.79
CA VAL A 108 -26.72 -32.59 2.06
C VAL A 108 -25.78 -32.72 0.88
N LEU A 109 -25.48 -31.57 0.27
CA LEU A 109 -24.66 -31.48 -0.93
C LEU A 109 -23.17 -31.52 -0.68
N ALA A 110 -22.70 -30.64 0.20
CA ALA A 110 -21.27 -30.57 0.49
C ALA A 110 -20.79 -31.94 0.97
N GLY A 111 -21.63 -32.60 1.77
CA GLY A 111 -21.28 -33.90 2.32
C GLY A 111 -21.25 -35.04 1.32
N ALA A 112 -21.83 -34.83 0.14
CA ALA A 112 -21.85 -35.85 -0.89
C ALA A 112 -21.21 -35.36 -2.18
N ALA A 113 -20.29 -34.40 -2.07
CA ALA A 113 -19.54 -33.89 -3.22
C ALA A 113 -18.17 -34.58 -3.30
N GLU A 114 -17.77 -34.93 -4.52
CA GLU A 114 -16.46 -35.55 -4.75
C GLU A 114 -15.34 -34.51 -4.77
N GLU A 115 -14.10 -34.96 -4.53
CA GLU A 115 -12.95 -34.09 -4.71
C GLU A 115 -12.77 -33.92 -6.20
N GLY A 116 -13.23 -32.80 -6.75
CA GLY A 116 -13.10 -32.62 -8.17
C GLY A 116 -13.93 -31.53 -8.83
N PHE A 117 -15.25 -31.67 -8.82
CA PHE A 117 -16.08 -30.67 -9.50
C PHE A 117 -17.40 -30.29 -8.86
N MET A 118 -17.65 -28.99 -8.84
CA MET A 118 -18.83 -28.41 -8.23
C MET A 118 -20.03 -28.54 -9.14
N THR A 119 -21.06 -29.21 -8.64
CA THR A 119 -22.29 -29.39 -9.40
C THR A 119 -23.04 -28.07 -9.58
N ALA A 120 -23.77 -27.95 -10.69
CA ALA A 120 -24.52 -26.74 -11.00
C ALA A 120 -25.45 -26.38 -9.84
N GLU A 121 -25.96 -27.41 -9.17
CA GLU A 121 -26.84 -27.19 -8.03
C GLU A 121 -26.05 -26.58 -6.88
N LEU A 122 -25.01 -27.27 -6.45
CA LEU A 122 -24.21 -26.81 -5.31
C LEU A 122 -23.74 -25.38 -5.43
N ALA A 123 -23.35 -24.98 -6.64
CA ALA A 123 -22.90 -23.61 -6.87
C ALA A 123 -24.04 -22.62 -6.68
N GLY A 124 -25.26 -23.07 -7.00
CA GLY A 124 -26.43 -22.23 -6.84
C GLY A 124 -26.76 -21.96 -5.39
N VAL A 125 -26.66 -22.99 -4.57
CA VAL A 125 -26.88 -22.88 -3.13
C VAL A 125 -25.90 -21.85 -2.57
N ILE A 126 -24.61 -22.07 -2.84
CA ILE A 126 -23.57 -21.18 -2.34
C ILE A 126 -23.78 -19.75 -2.82
N LYS A 127 -24.06 -19.60 -4.11
CA LYS A 127 -24.25 -18.29 -4.70
C LYS A 127 -25.37 -17.52 -3.99
N ARG A 128 -26.52 -18.17 -3.84
CA ARG A 128 -27.71 -17.59 -3.17
C ARG A 128 -27.43 -17.28 -1.71
N LEU A 129 -26.81 -18.22 -1.03
CA LEU A 129 -26.45 -18.04 0.35
C LEU A 129 -25.52 -16.84 0.54
N TRP A 130 -24.45 -16.79 -0.26
CA TRP A 130 -23.41 -15.74 -0.17
C TRP A 130 -23.99 -14.33 -0.40
N LYS A 131 -24.92 -14.25 -1.37
CA LYS A 131 -25.61 -13.01 -1.69
C LYS A 131 -26.51 -12.50 -0.56
N ASP A 132 -27.11 -13.42 0.18
CA ASP A 132 -28.02 -13.07 1.27
C ASP A 132 -27.44 -12.11 2.31
N SER A 133 -28.33 -11.33 2.93
CA SER A 133 -27.96 -10.30 3.89
C SER A 133 -27.59 -10.82 5.26
N GLY A 134 -28.31 -11.86 5.70
CA GLY A 134 -28.03 -12.46 7.00
C GLY A 134 -26.64 -13.03 7.02
N VAL A 135 -26.37 -13.84 6.00
CA VAL A 135 -25.07 -14.47 5.77
C VAL A 135 -24.00 -13.39 5.80
N GLN A 136 -24.15 -12.41 4.92
CA GLN A 136 -23.25 -11.25 4.88
C GLN A 136 -23.04 -10.57 6.24
N ALA A 137 -24.12 -10.39 7.00
CA ALA A 137 -23.98 -9.78 8.33
C ALA A 137 -23.04 -10.63 9.16
N CYS A 138 -23.18 -11.95 9.00
CA CYS A 138 -22.35 -12.90 9.73
C CYS A 138 -20.91 -12.81 9.23
N PHE A 139 -20.77 -12.87 7.91
CA PHE A 139 -19.48 -12.71 7.27
C PHE A 139 -18.73 -11.49 7.83
N ASN A 140 -19.42 -10.35 7.93
CA ASN A 140 -18.77 -9.15 8.44
C ASN A 140 -18.44 -9.22 9.92
N ARG A 141 -18.84 -10.32 10.54
CA ARG A 141 -18.51 -10.52 11.96
C ARG A 141 -17.58 -11.71 12.17
N SER A 142 -16.95 -12.15 11.11
CA SER A 142 -16.09 -13.30 11.18
C SER A 142 -14.96 -13.26 12.23
N ARG A 143 -14.65 -12.12 12.83
CA ARG A 143 -13.58 -12.14 13.83
C ARG A 143 -14.05 -12.90 15.04
N GLU A 144 -15.37 -13.10 15.11
CA GLU A 144 -15.97 -13.80 16.21
C GLU A 144 -15.83 -15.30 16.03
N TYR A 145 -16.09 -15.79 14.83
CA TYR A 145 -15.78 -17.18 14.55
C TYR A 145 -14.36 -17.36 13.99
N GLN A 146 -14.21 -18.20 12.97
CA GLN A 146 -12.90 -18.52 12.37
C GLN A 146 -13.09 -18.82 10.90
N LEU A 147 -12.72 -17.87 10.06
CA LEU A 147 -12.95 -17.98 8.63
C LEU A 147 -11.64 -17.89 7.82
N ASN A 148 -11.61 -18.56 6.67
CA ASN A 148 -10.45 -18.59 5.80
C ASN A 148 -10.28 -17.25 5.14
N ASP A 149 -9.06 -16.69 5.18
CA ASP A 149 -8.76 -15.40 4.55
C ASP A 149 -9.31 -15.27 3.14
N SER A 150 -9.23 -16.34 2.35
CA SER A 150 -9.72 -16.32 0.97
C SER A 150 -11.19 -16.62 0.84
N ALA A 151 -11.94 -16.51 1.94
CA ALA A 151 -13.37 -16.82 1.91
C ALA A 151 -14.05 -15.98 0.83
N ALA A 152 -14.10 -14.66 1.04
CA ALA A 152 -14.73 -13.74 0.08
C ALA A 152 -14.06 -13.86 -1.28
N TYR A 153 -12.74 -14.08 -1.30
CA TYR A 153 -12.03 -14.20 -2.57
C TYR A 153 -12.64 -15.27 -3.47
N TYR A 154 -12.91 -16.44 -2.91
CA TYR A 154 -13.49 -17.52 -3.72
C TYR A 154 -15.00 -17.30 -3.90
N LEU A 155 -15.67 -16.84 -2.84
CA LEU A 155 -17.12 -16.69 -2.87
C LEU A 155 -17.59 -15.66 -3.89
N ASN A 156 -16.90 -14.52 -3.93
CA ASN A 156 -17.21 -13.48 -4.89
C ASN A 156 -16.84 -13.90 -6.30
N ASP A 157 -16.04 -14.95 -6.42
CA ASP A 157 -15.60 -15.43 -7.73
C ASP A 157 -16.27 -16.76 -8.06
N LEU A 158 -17.35 -17.06 -7.38
CA LEU A 158 -18.02 -18.33 -7.56
C LEU A 158 -18.27 -18.69 -9.03
N ASP A 159 -18.99 -17.82 -9.75
CA ASP A 159 -19.36 -18.10 -11.15
C ASP A 159 -18.21 -18.55 -12.04
N ARG A 160 -17.03 -18.02 -11.79
CA ARG A 160 -15.84 -18.36 -12.56
C ARG A 160 -15.37 -19.74 -12.16
N ILE A 161 -15.20 -19.95 -10.85
CA ILE A 161 -14.69 -21.22 -10.34
C ILE A 161 -15.70 -22.36 -10.52
N ALA A 162 -16.96 -22.00 -10.76
CA ALA A 162 -18.03 -22.97 -10.90
C ALA A 162 -18.05 -23.65 -12.25
N GLN A 163 -17.80 -22.89 -13.32
CA GLN A 163 -17.81 -23.44 -14.68
C GLN A 163 -17.02 -24.74 -14.75
N PRO A 164 -17.64 -25.82 -15.25
CA PRO A 164 -17.02 -27.14 -15.38
C PRO A 164 -15.61 -27.19 -15.97
N ASN A 165 -15.33 -26.35 -16.97
CA ASN A 165 -14.02 -26.41 -17.62
C ASN A 165 -12.97 -25.54 -16.89
N TYR A 166 -13.29 -25.16 -15.65
CA TYR A 166 -12.46 -24.28 -14.83
C TYR A 166 -11.11 -24.87 -14.45
N ILE A 167 -10.10 -24.03 -14.52
CA ILE A 167 -8.73 -24.40 -14.13
C ILE A 167 -8.26 -23.32 -13.16
N PRO A 168 -7.86 -23.70 -11.94
CA PRO A 168 -7.40 -22.64 -11.03
C PRO A 168 -6.27 -21.82 -11.65
N THR A 169 -6.36 -20.50 -11.48
CA THR A 169 -5.31 -19.59 -11.92
C THR A 169 -4.26 -19.58 -10.81
N GLN A 170 -3.11 -18.97 -11.06
CA GLN A 170 -2.08 -18.94 -10.05
C GLN A 170 -2.52 -18.20 -8.79
N GLN A 171 -3.40 -17.21 -8.95
CA GLN A 171 -3.83 -16.45 -7.78
C GLN A 171 -4.75 -17.33 -6.95
N ASP A 172 -5.58 -18.11 -7.62
CA ASP A 172 -6.40 -19.12 -6.97
C ASP A 172 -5.51 -20.06 -6.14
N VAL A 173 -4.61 -20.76 -6.83
CA VAL A 173 -3.67 -21.66 -6.17
C VAL A 173 -2.99 -21.02 -4.98
N LEU A 174 -2.74 -19.71 -5.07
CA LEU A 174 -2.01 -18.99 -4.02
C LEU A 174 -2.93 -18.67 -2.87
N ARG A 175 -4.21 -18.63 -3.17
CA ARG A 175 -5.23 -18.31 -2.19
C ARG A 175 -5.66 -19.52 -1.39
N THR A 176 -5.35 -20.72 -1.90
CA THR A 176 -5.78 -21.95 -1.28
C THR A 176 -5.29 -22.03 0.17
N ARG A 177 -6.04 -22.75 1.00
CA ARG A 177 -5.68 -22.96 2.40
C ARG A 177 -5.44 -24.46 2.51
N VAL A 178 -4.38 -24.82 3.21
CA VAL A 178 -4.00 -26.21 3.45
C VAL A 178 -3.07 -26.13 4.63
N LYS A 179 -3.61 -26.31 5.82
CA LYS A 179 -2.82 -26.27 7.04
C LYS A 179 -1.59 -27.14 6.85
N THR A 180 -0.44 -26.67 7.32
CA THR A 180 0.79 -27.41 7.09
C THR A 180 1.11 -28.11 8.37
N THR A 181 1.34 -29.40 8.28
CA THR A 181 1.78 -30.13 9.46
C THR A 181 3.19 -30.66 9.25
N GLY A 182 4.03 -30.52 10.26
CA GLY A 182 5.37 -31.05 10.17
C GLY A 182 6.40 -30.02 9.75
N ILE A 183 7.35 -30.45 8.93
CA ILE A 183 8.46 -29.64 8.49
C ILE A 183 8.82 -30.03 7.09
N VAL A 184 8.52 -29.17 6.12
CA VAL A 184 8.86 -29.47 4.71
C VAL A 184 10.10 -28.72 4.23
N GLU A 185 10.98 -29.44 3.52
CA GLU A 185 12.24 -28.86 3.04
C GLU A 185 12.23 -28.75 1.54
N THR A 186 12.61 -27.57 1.06
CA THR A 186 12.64 -27.27 -0.37
C THR A 186 13.99 -26.68 -0.73
N HIS A 187 14.47 -27.03 -1.91
CA HIS A 187 15.75 -26.54 -2.40
C HIS A 187 15.51 -25.71 -3.66
N PHE A 188 16.16 -24.56 -3.73
CA PHE A 188 16.14 -23.75 -4.94
C PHE A 188 17.34 -22.83 -5.01
N THR A 189 17.73 -22.49 -6.24
CA THR A 189 18.86 -21.57 -6.47
C THR A 189 18.31 -20.21 -6.86
N PHE A 190 18.79 -19.16 -6.21
CA PHE A 190 18.46 -17.78 -6.56
C PHE A 190 19.67 -16.88 -6.42
N LYS A 191 19.89 -16.06 -7.45
CA LYS A 191 21.14 -15.34 -7.62
C LYS A 191 22.18 -16.48 -7.71
N ASP A 192 23.31 -16.38 -7.03
CA ASP A 192 24.23 -17.52 -7.05
C ASP A 192 23.98 -18.36 -5.80
N LEU A 193 22.90 -18.04 -5.10
CA LEU A 193 22.55 -18.65 -3.84
C LEU A 193 21.89 -20.03 -3.93
N HIS A 194 22.32 -20.89 -3.04
CA HIS A 194 21.71 -22.20 -2.90
C HIS A 194 20.94 -22.20 -1.59
N PHE A 195 19.61 -22.24 -1.73
CA PHE A 195 18.72 -22.17 -0.59
C PHE A 195 18.19 -23.55 -0.18
N LYS A 196 18.29 -23.84 1.12
CA LYS A 196 17.61 -25.01 1.72
C LYS A 196 16.59 -24.36 2.60
N MET A 197 15.37 -24.38 2.13
CA MET A 197 14.28 -23.67 2.79
C MET A 197 13.37 -24.62 3.56
N PHE A 198 13.02 -24.25 4.78
CA PHE A 198 12.29 -25.11 5.71
C PHE A 198 10.94 -24.52 6.06
N ASP A 199 9.88 -24.95 5.38
CA ASP A 199 8.55 -24.52 5.77
C ASP A 199 8.05 -25.32 7.03
N VAL A 200 7.32 -24.67 7.93
CA VAL A 200 6.90 -25.35 9.14
C VAL A 200 5.45 -25.05 9.52
N GLY A 201 4.87 -25.91 10.39
CA GLY A 201 3.52 -25.68 10.90
C GLY A 201 3.60 -24.62 11.97
N GLY A 202 2.62 -23.74 12.00
CA GLY A 202 2.70 -22.61 12.92
C GLY A 202 1.98 -22.83 14.23
N GLN A 203 1.02 -23.77 14.21
CA GLN A 203 0.25 -24.05 15.40
C GLN A 203 1.05 -24.47 16.63
N ARG A 204 0.49 -24.10 17.79
CA ARG A 204 1.14 -24.32 19.06
C ARG A 204 1.64 -25.77 19.17
N SER A 205 0.83 -26.71 18.69
CA SER A 205 1.18 -28.10 18.69
C SER A 205 2.33 -28.42 17.79
N GLU A 206 2.49 -27.63 16.73
CA GLU A 206 3.55 -27.88 15.75
C GLU A 206 4.93 -27.40 16.23
N ARG A 207 4.94 -26.41 17.13
CA ARG A 207 6.19 -25.79 17.46
C ARG A 207 7.24 -26.64 18.17
N LYS A 208 6.81 -27.69 18.86
CA LYS A 208 7.79 -28.55 19.54
C LYS A 208 8.68 -29.25 18.51
N LYS A 209 8.24 -29.29 17.25
CA LYS A 209 8.99 -29.94 16.19
C LYS A 209 10.03 -29.03 15.56
N TRP A 210 9.91 -27.72 15.81
CA TRP A 210 10.75 -26.70 15.17
C TRP A 210 12.24 -26.91 15.37
N ILE A 211 12.66 -27.20 16.60
CA ILE A 211 14.08 -27.35 16.92
C ILE A 211 14.77 -28.42 16.10
N HIS A 212 13.99 -29.24 15.41
CA HIS A 212 14.60 -30.24 14.56
C HIS A 212 15.32 -29.59 13.42
N CYS A 213 15.07 -28.30 13.17
CA CYS A 213 15.75 -27.61 12.09
C CYS A 213 16.49 -26.33 12.48
N PHE A 214 16.68 -26.12 13.77
CA PHE A 214 17.33 -24.94 14.31
C PHE A 214 18.84 -24.89 14.16
N GLU A 215 19.44 -25.84 13.47
CA GLU A 215 20.91 -25.89 13.46
C GLU A 215 21.53 -25.35 12.20
N GLY A 216 22.44 -24.40 12.36
CA GLY A 216 23.15 -23.84 11.21
C GLY A 216 22.24 -23.07 10.29
N VAL A 217 21.49 -22.14 10.89
CA VAL A 217 20.49 -21.36 10.18
C VAL A 217 21.09 -20.05 9.68
N THR A 218 21.15 -19.89 8.36
CA THR A 218 21.62 -18.65 7.74
C THR A 218 20.65 -17.54 8.10
N ALA A 219 19.43 -17.69 7.62
CA ALA A 219 18.38 -16.70 7.84
C ALA A 219 17.03 -17.32 8.23
N ILE A 220 16.24 -16.52 8.95
CA ILE A 220 14.86 -16.85 9.28
C ILE A 220 13.99 -15.75 8.69
N ILE A 221 13.00 -16.11 7.90
CA ILE A 221 11.96 -15.17 7.51
C ILE A 221 10.82 -15.46 8.51
N PHE A 222 10.49 -14.49 9.37
CA PHE A 222 9.40 -14.65 10.34
C PHE A 222 8.13 -13.89 9.92
N CYS A 223 7.16 -14.59 9.31
CA CYS A 223 5.89 -13.97 8.95
C CYS A 223 4.96 -13.59 10.13
N VAL A 224 4.15 -12.55 9.93
CA VAL A 224 3.18 -12.13 10.91
C VAL A 224 2.03 -11.62 10.09
N ALA A 225 0.85 -12.18 10.30
CA ALA A 225 -0.32 -11.71 9.60
C ALA A 225 -0.75 -10.44 10.31
N LEU A 226 -0.54 -9.31 9.65
CA LEU A 226 -0.89 -8.00 10.21
C LEU A 226 -2.36 -7.96 10.55
N SER A 227 -3.17 -8.64 9.75
CA SER A 227 -4.61 -8.63 9.92
C SER A 227 -5.16 -9.53 11.03
N ASP A 228 -4.27 -10.02 11.89
CA ASP A 228 -4.64 -10.90 13.02
C ASP A 228 -4.74 -10.10 14.29
N TYR A 229 -4.83 -8.78 14.20
CA TYR A 229 -4.82 -7.96 15.42
C TYR A 229 -6.18 -8.11 16.13
N ASP A 230 -7.21 -8.49 15.37
CA ASP A 230 -8.57 -8.53 15.93
C ASP A 230 -9.13 -9.96 15.90
N LEU A 231 -8.23 -10.93 15.81
CA LEU A 231 -8.59 -12.35 15.79
C LEU A 231 -8.04 -13.11 16.99
N VAL A 232 -8.59 -14.30 17.20
CA VAL A 232 -8.06 -15.22 18.23
C VAL A 232 -7.57 -16.52 17.58
N LEU A 233 -6.65 -17.24 18.24
CA LEU A 233 -6.07 -18.46 17.68
C LEU A 233 -7.12 -19.55 17.45
N ALA A 234 -7.08 -20.20 16.31
CA ALA A 234 -8.00 -21.30 16.01
C ALA A 234 -7.84 -22.36 17.09
N GLU A 235 -6.61 -22.62 17.50
CA GLU A 235 -6.35 -23.62 18.50
C GLU A 235 -6.59 -23.14 19.91
N ASP A 236 -6.93 -21.87 20.08
CA ASP A 236 -7.16 -21.31 21.43
C ASP A 236 -7.92 -19.99 21.41
N GLU A 237 -9.25 -20.08 21.54
CA GLU A 237 -10.18 -18.94 21.49
C GLU A 237 -9.93 -17.80 22.46
N GLU A 238 -9.06 -17.96 23.44
CA GLU A 238 -8.82 -16.93 24.44
C GLU A 238 -7.55 -16.16 24.14
N MET A 239 -6.86 -16.51 23.07
CA MET A 239 -5.60 -15.88 22.73
C MET A 239 -5.81 -15.05 21.47
N ASN A 240 -5.35 -13.80 21.55
CA ASN A 240 -5.36 -12.89 20.40
C ASN A 240 -4.17 -13.29 19.56
N ARG A 241 -4.40 -13.54 18.27
CA ARG A 241 -3.34 -14.05 17.41
C ARG A 241 -2.12 -13.13 17.37
N MET A 242 -2.36 -11.82 17.29
CA MET A 242 -1.28 -10.83 17.20
C MET A 242 -0.38 -11.01 18.41
N HIS A 243 -0.99 -11.05 19.59
CA HIS A 243 -0.27 -11.31 20.83
C HIS A 243 0.42 -12.68 20.87
N GLU A 244 -0.19 -13.68 20.23
CA GLU A 244 0.44 -14.98 20.07
C GLU A 244 1.74 -14.78 19.29
N SER A 245 1.64 -14.15 18.11
CA SER A 245 2.79 -13.90 17.23
C SER A 245 3.87 -13.16 17.96
N MET A 246 3.47 -12.08 18.65
CA MET A 246 4.45 -11.29 19.39
C MET A 246 5.25 -12.19 20.30
N LYS A 247 4.55 -13.00 21.08
CA LYS A 247 5.19 -13.95 22.00
C LYS A 247 6.12 -14.87 21.25
N LEU A 248 5.60 -15.47 20.19
CA LEU A 248 6.38 -16.40 19.41
C LEU A 248 7.67 -15.74 18.93
N PHE A 249 7.53 -14.52 18.36
CA PHE A 249 8.66 -13.75 17.81
C PHE A 249 9.66 -13.38 18.89
N ASP A 250 9.17 -12.82 20.00
CA ASP A 250 10.05 -12.51 21.13
C ASP A 250 10.88 -13.73 21.44
N SER A 251 10.27 -14.90 21.30
CA SER A 251 10.91 -16.17 21.58
C SER A 251 11.96 -16.54 20.55
N ILE A 252 11.54 -16.69 19.30
CA ILE A 252 12.47 -17.03 18.22
C ILE A 252 13.59 -16.00 18.08
N CYS A 253 13.21 -14.73 17.93
CA CYS A 253 14.14 -13.63 17.77
C CYS A 253 15.28 -13.68 18.80
N ASN A 254 14.91 -13.66 20.08
CA ASN A 254 15.90 -13.65 21.14
C ASN A 254 16.52 -15.01 21.44
N ASN A 255 16.18 -16.02 20.64
CA ASN A 255 16.66 -17.38 20.86
C ASN A 255 18.16 -17.51 20.55
N LYS A 256 18.88 -18.15 21.46
CA LYS A 256 20.31 -18.32 21.36
C LYS A 256 20.76 -19.04 20.11
N TRP A 257 19.97 -19.99 19.61
CA TRP A 257 20.36 -20.70 18.40
C TRP A 257 20.51 -19.71 17.27
N PHE A 258 19.84 -18.57 17.42
CA PHE A 258 19.72 -17.60 16.34
C PHE A 258 20.48 -16.29 16.54
N THR A 259 21.53 -16.35 17.36
CA THR A 259 22.40 -15.23 17.67
C THR A 259 23.02 -14.61 16.44
N ASP A 260 23.53 -15.43 15.53
CA ASP A 260 24.16 -14.90 14.32
C ASP A 260 23.39 -15.27 13.05
N THR A 261 22.08 -15.08 13.10
CA THR A 261 21.24 -15.41 11.96
C THR A 261 20.54 -14.13 11.55
N SER A 262 20.37 -13.94 10.24
CA SER A 262 19.66 -12.79 9.70
C SER A 262 18.20 -13.02 9.94
N ILE A 263 17.68 -12.38 10.98
CA ILE A 263 16.29 -12.47 11.29
C ILE A 263 15.51 -11.44 10.51
N ILE A 264 14.85 -11.90 9.47
CA ILE A 264 14.00 -11.10 8.61
C ILE A 264 12.58 -11.18 9.17
N LEU A 265 11.82 -10.08 9.16
CA LEU A 265 10.44 -10.05 9.65
C LEU A 265 9.45 -9.71 8.51
N PHE A 266 8.54 -10.63 8.16
CA PHE A 266 7.52 -10.37 7.14
C PHE A 266 6.18 -9.97 7.76
N LEU A 267 5.91 -8.68 7.86
CA LEU A 267 4.61 -8.17 8.28
C LEU A 267 3.66 -8.37 7.10
N ASN A 268 3.07 -9.55 7.03
CA ASN A 268 2.30 -10.04 5.86
C ASN A 268 0.83 -9.65 5.94
N LYS A 269 0.09 -9.94 4.87
CA LYS A 269 -1.36 -9.67 4.78
C LYS A 269 -1.65 -8.17 4.85
N LYS A 270 -0.73 -7.35 4.38
CA LYS A 270 -0.91 -5.89 4.42
C LYS A 270 -2.11 -5.45 3.57
N ASP A 271 -2.46 -6.24 2.56
CA ASP A 271 -3.67 -5.98 1.81
C ASP A 271 -4.92 -6.12 2.69
N LEU A 272 -5.01 -7.25 3.38
CA LEU A 272 -6.14 -7.54 4.26
C LEU A 272 -6.09 -6.53 5.37
N PHE A 273 -4.91 -6.28 5.91
CA PHE A 273 -4.84 -5.37 7.03
C PHE A 273 -5.34 -3.99 6.69
N GLU A 274 -5.13 -3.60 5.43
CA GLU A 274 -5.45 -2.27 5.03
C GLU A 274 -6.95 -2.05 5.03
N GLU A 275 -7.69 -3.01 4.49
CA GLU A 275 -9.16 -2.94 4.49
C GLU A 275 -9.69 -3.08 5.92
N LYS A 276 -9.11 -4.02 6.67
CA LYS A 276 -9.56 -4.27 8.03
C LYS A 276 -9.42 -3.08 8.96
N ILE A 277 -8.37 -2.29 8.81
CA ILE A 277 -8.11 -1.24 9.77
C ILE A 277 -9.09 -0.07 9.60
N LYS A 278 -9.81 -0.06 8.48
CA LYS A 278 -10.77 1.02 8.25
C LYS A 278 -11.93 0.84 9.20
N LYS A 279 -12.33 -0.42 9.34
CA LYS A 279 -13.44 -0.86 10.18
C LYS A 279 -13.02 -1.22 11.61
N SER A 280 -12.11 -2.17 11.76
CA SER A 280 -11.76 -2.68 13.08
C SER A 280 -10.58 -2.00 13.75
N PRO A 281 -10.83 -1.31 14.86
CA PRO A 281 -9.78 -0.59 15.61
C PRO A 281 -8.62 -1.45 16.07
N LEU A 282 -7.43 -0.85 16.10
CA LEU A 282 -6.23 -1.57 16.50
C LEU A 282 -6.09 -1.65 18.02
N THR A 283 -6.96 -0.95 18.74
CA THR A 283 -6.92 -1.02 20.20
C THR A 283 -7.47 -2.35 20.69
N ILE A 284 -8.25 -3.02 19.83
CA ILE A 284 -8.68 -4.39 20.07
C ILE A 284 -7.46 -5.23 20.44
N CYS A 285 -6.36 -5.07 19.71
CA CYS A 285 -5.14 -5.75 20.08
C CYS A 285 -4.28 -4.93 21.05
N TYR A 286 -4.03 -3.67 20.71
CA TYR A 286 -3.25 -2.80 21.60
C TYR A 286 -4.15 -1.72 22.21
N PRO A 287 -4.54 -1.91 23.48
CA PRO A 287 -5.40 -0.98 24.23
C PRO A 287 -4.73 0.38 24.36
N GLU A 288 -3.43 0.38 24.64
CA GLU A 288 -2.66 1.61 24.81
C GLU A 288 -2.39 2.45 23.57
N TYR A 289 -2.74 1.92 22.40
CA TYR A 289 -2.46 2.62 21.15
C TYR A 289 -3.31 3.87 21.07
N ALA A 290 -2.65 5.02 21.04
CA ALA A 290 -3.35 6.29 20.94
C ALA A 290 -3.40 6.86 19.54
N GLY A 291 -2.67 6.23 18.60
CA GLY A 291 -2.53 6.72 17.24
C GLY A 291 -3.79 6.56 16.43
N SER A 292 -3.68 6.70 15.11
CA SER A 292 -4.87 6.64 14.27
C SER A 292 -4.99 5.28 13.62
N ASN A 293 -6.08 5.05 12.90
CA ASN A 293 -6.28 3.77 12.25
C ASN A 293 -6.13 3.93 10.75
N THR A 294 -5.02 4.57 10.41
CA THR A 294 -4.64 4.64 9.03
C THR A 294 -3.68 3.47 8.82
N TYR A 295 -3.72 2.89 7.63
CA TYR A 295 -2.89 1.75 7.32
C TYR A 295 -1.48 2.05 7.83
N GLU A 296 -0.91 3.14 7.33
CA GLU A 296 0.45 3.53 7.60
C GLU A 296 0.79 3.71 9.07
N GLU A 297 -0.06 4.38 9.81
CA GLU A 297 0.30 4.65 11.20
C GLU A 297 0.19 3.38 12.07
N ALA A 298 -0.86 2.59 11.85
CA ALA A 298 -1.06 1.34 12.56
C ALA A 298 0.01 0.31 12.20
N ALA A 299 0.17 -0.01 10.91
CA ALA A 299 1.24 -0.92 10.47
C ALA A 299 2.56 -0.61 11.13
N ALA A 300 2.83 0.67 11.30
CA ALA A 300 4.11 1.08 11.84
C ALA A 300 4.11 0.82 13.33
N TYR A 301 2.96 0.98 13.98
CA TYR A 301 2.87 0.71 15.42
C TYR A 301 3.18 -0.77 15.66
N ILE A 302 2.50 -1.63 14.89
CA ILE A 302 2.70 -3.05 14.94
C ILE A 302 4.18 -3.36 14.72
N GLN A 303 4.76 -2.87 13.63
CA GLN A 303 6.19 -3.07 13.39
C GLN A 303 7.02 -2.73 14.63
N CYS A 304 6.65 -1.65 15.30
CA CYS A 304 7.43 -1.17 16.42
C CYS A 304 7.32 -2.13 17.58
N GLN A 305 6.08 -2.59 17.81
CA GLN A 305 5.77 -3.57 18.86
C GLN A 305 6.64 -4.79 18.73
N PHE A 306 6.67 -5.36 17.54
CA PHE A 306 7.50 -6.52 17.27
C PHE A 306 9.00 -6.28 17.42
N GLU A 307 9.48 -5.16 16.92
CA GLU A 307 10.91 -4.91 16.98
C GLU A 307 11.41 -4.63 18.38
N ASP A 308 10.60 -3.95 19.19
CA ASP A 308 10.98 -3.71 20.58
C ASP A 308 11.28 -5.01 21.31
N LEU A 309 10.76 -6.13 20.81
CA LEU A 309 11.01 -7.44 21.42
C LEU A 309 12.49 -7.83 21.38
N ASN A 310 13.23 -7.31 20.41
CA ASN A 310 14.64 -7.63 20.30
C ASN A 310 15.37 -7.13 21.53
N LYS A 311 15.94 -8.07 22.27
CA LYS A 311 16.62 -7.78 23.52
C LYS A 311 18.10 -7.48 23.31
N ARG A 312 18.53 -7.51 22.07
CA ARG A 312 19.89 -7.12 21.72
C ARG A 312 19.87 -6.23 20.47
N LYS A 313 19.31 -5.03 20.63
CA LYS A 313 19.21 -4.06 19.55
C LYS A 313 20.57 -3.52 19.15
N ASP A 314 21.49 -3.50 20.11
CA ASP A 314 22.85 -3.04 19.86
C ASP A 314 23.62 -3.99 18.97
N THR A 315 23.34 -5.29 19.10
CA THR A 315 24.04 -6.30 18.32
C THR A 315 23.20 -6.85 17.17
N LYS A 316 21.90 -6.98 17.41
CA LYS A 316 20.99 -7.72 16.53
C LYS A 316 20.05 -6.80 15.76
N GLU A 317 19.95 -7.01 14.45
CA GLU A 317 19.07 -6.21 13.63
C GLU A 317 18.01 -7.03 12.90
N ILE A 318 16.76 -6.66 13.11
CA ILE A 318 15.63 -7.33 12.44
C ILE A 318 15.46 -6.64 11.08
N TYR A 319 15.17 -7.41 10.05
CA TYR A 319 14.97 -6.87 8.72
C TYR A 319 13.52 -6.97 8.31
N THR A 320 12.72 -6.05 8.82
CA THR A 320 11.29 -5.97 8.54
C THR A 320 10.98 -5.63 7.11
N HIS A 321 9.84 -6.14 6.66
CA HIS A 321 9.32 -5.87 5.32
C HIS A 321 7.81 -5.99 5.46
N PHE A 322 7.07 -5.36 4.57
CA PHE A 322 5.63 -5.37 4.57
C PHE A 322 5.12 -6.07 3.32
N THR A 323 4.91 -7.36 3.44
CA THR A 323 4.53 -8.16 2.29
C THR A 323 3.04 -8.38 2.20
N CYS A 324 2.62 -8.78 1.01
CA CYS A 324 1.31 -9.31 0.77
C CYS A 324 1.66 -10.56 -0.02
N ALA A 325 1.76 -11.67 0.72
CA ALA A 325 2.38 -12.91 0.23
C ALA A 325 1.73 -13.51 -0.99
N THR A 326 0.46 -13.18 -1.17
CA THR A 326 -0.25 -13.72 -2.32
C THR A 326 0.13 -12.94 -3.57
N ASP A 327 0.81 -11.81 -3.37
CA ASP A 327 1.22 -10.94 -4.46
C ASP A 327 2.61 -11.31 -4.93
N THR A 328 2.71 -11.83 -6.16
CA THR A 328 4.00 -12.31 -6.66
C THR A 328 5.01 -11.17 -6.84
N LYS A 329 4.53 -10.03 -7.34
CA LYS A 329 5.36 -8.85 -7.56
C LYS A 329 5.92 -8.36 -6.25
N ASN A 330 5.04 -8.17 -5.28
CA ASN A 330 5.50 -7.73 -3.96
C ASN A 330 6.53 -8.68 -3.41
N VAL A 331 6.27 -9.98 -3.57
CA VAL A 331 7.13 -11.01 -2.97
C VAL A 331 8.47 -11.03 -3.68
N GLN A 332 8.41 -11.04 -5.02
CA GLN A 332 9.62 -11.00 -5.85
C GLN A 332 10.48 -9.82 -5.47
N PHE A 333 9.86 -8.65 -5.39
CA PHE A 333 10.52 -7.44 -4.99
C PHE A 333 11.19 -7.64 -3.66
N VAL A 334 10.38 -7.97 -2.65
CA VAL A 334 10.86 -8.11 -1.27
C VAL A 334 11.95 -9.18 -1.16
N PHE A 335 11.91 -10.16 -2.07
CA PHE A 335 12.85 -11.24 -1.95
C PHE A 335 14.27 -10.86 -2.37
N ASP A 336 14.40 -10.06 -3.44
CA ASP A 336 15.69 -9.45 -3.84
C ASP A 336 16.28 -8.67 -2.68
N ALA A 337 15.47 -7.77 -2.13
CA ALA A 337 15.88 -6.99 -0.97
C ALA A 337 16.39 -7.94 0.10
N VAL A 338 15.66 -9.04 0.31
CA VAL A 338 16.00 -10.01 1.35
C VAL A 338 17.29 -10.75 1.08
N THR A 339 17.40 -11.33 -0.13
CA THR A 339 18.58 -12.10 -0.52
C THR A 339 19.82 -11.21 -0.46
N ASP A 340 19.71 -9.96 -0.88
CA ASP A 340 20.83 -9.05 -0.77
C ASP A 340 21.38 -8.93 0.66
N VAL A 341 20.50 -8.87 1.65
CA VAL A 341 20.95 -8.77 3.04
C VAL A 341 21.55 -10.10 3.44
N ILE A 342 21.04 -11.18 2.88
CA ILE A 342 21.49 -12.51 3.29
C ILE A 342 22.90 -12.68 2.78
N ILE A 343 23.07 -12.54 1.46
CA ILE A 343 24.39 -12.68 0.85
C ILE A 343 25.41 -11.66 1.34
N LYS A 344 25.00 -10.41 1.54
CA LYS A 344 25.90 -9.43 2.16
C LYS A 344 26.36 -9.84 3.55
N ASN A 345 25.42 -10.21 4.42
CA ASN A 345 25.75 -10.65 5.77
C ASN A 345 26.62 -11.93 5.72
N ASN A 346 26.33 -12.82 4.77
CA ASN A 346 27.11 -14.02 4.58
C ASN A 346 28.54 -13.63 4.29
N LEU A 347 28.72 -12.86 3.21
CA LEU A 347 30.02 -12.27 2.82
C LEU A 347 30.69 -11.53 3.96
N LYS A 348 29.98 -10.63 4.63
CA LYS A 348 30.61 -9.91 5.74
C LYS A 348 31.17 -10.91 6.72
N ASP A 349 30.49 -12.04 6.88
CA ASP A 349 30.91 -13.03 7.86
C ASP A 349 32.12 -13.80 7.45
N CYS A 350 32.09 -14.37 6.24
CA CYS A 350 33.30 -14.93 5.65
C CYS A 350 34.43 -13.88 5.50
N GLY A 351 34.11 -12.59 5.63
CA GLY A 351 35.14 -11.57 5.43
C GLY A 351 35.47 -11.36 3.96
N LEU A 352 34.50 -11.59 3.08
CA LEU A 352 34.65 -11.37 1.66
C LEU A 352 33.61 -10.37 1.17
N PHE A 353 33.34 -9.35 1.96
CA PHE A 353 32.42 -8.34 1.48
C PHE A 353 33.10 -7.27 0.57
N ALA B 10 -43.93 34.28 30.09
CA ALA B 10 -43.50 34.43 31.48
C ALA B 10 -42.00 34.20 31.60
N ALA B 11 -41.45 34.49 32.77
CA ALA B 11 -40.05 34.17 33.03
C ALA B 11 -39.80 32.73 32.60
N VAL B 12 -40.81 31.89 32.79
CA VAL B 12 -40.78 30.48 32.43
C VAL B 12 -40.73 30.25 30.91
N GLU B 13 -41.74 30.74 30.19
CA GLU B 13 -41.84 30.50 28.75
C GLU B 13 -40.82 31.25 27.89
N ARG B 14 -40.55 32.51 28.25
CA ARG B 14 -39.55 33.31 27.54
C ARG B 14 -38.21 32.61 27.72
N SER B 15 -37.95 32.16 28.94
CA SER B 15 -36.69 31.51 29.24
C SER B 15 -36.57 30.18 28.49
N LYS B 16 -37.72 29.54 28.27
CA LYS B 16 -37.75 28.30 27.53
C LYS B 16 -37.31 28.54 26.11
N MET B 17 -37.98 29.47 25.42
CA MET B 17 -37.65 29.81 24.03
C MET B 17 -36.22 30.30 23.87
N ILE B 18 -35.69 31.00 24.87
CA ILE B 18 -34.29 31.39 24.86
C ILE B 18 -33.44 30.13 24.89
N ASP B 19 -33.87 29.13 25.66
CA ASP B 19 -33.17 27.84 25.77
C ASP B 19 -33.27 27.09 24.44
N ARG B 20 -34.47 27.06 23.87
CA ARG B 20 -34.70 26.30 22.66
C ARG B 20 -33.95 26.92 21.48
N ASN B 21 -34.28 28.17 21.18
CA ASN B 21 -33.66 28.93 20.08
C ASN B 21 -32.15 28.96 20.23
N LEU B 22 -31.66 29.27 21.42
CA LEU B 22 -30.22 29.30 21.65
C LEU B 22 -29.57 27.95 21.33
N ARG B 23 -30.38 26.89 21.23
CA ARG B 23 -29.85 25.59 20.86
C ARG B 23 -30.01 25.32 19.36
N GLU B 24 -31.16 25.69 18.81
CA GLU B 24 -31.41 25.64 17.36
C GLU B 24 -30.34 26.45 16.62
N ASP B 25 -29.98 27.62 17.17
CA ASP B 25 -28.96 28.47 16.62
C ASP B 25 -27.65 27.71 16.47
N GLY B 26 -27.13 27.21 17.59
CA GLY B 26 -25.90 26.44 17.58
C GLY B 26 -25.95 25.24 16.65
N GLU B 27 -27.15 24.68 16.48
CA GLU B 27 -27.35 23.53 15.61
C GLU B 27 -27.15 23.91 14.14
N LYS B 28 -27.61 25.11 13.77
CA LYS B 28 -27.37 25.68 12.44
C LYS B 28 -25.90 26.07 12.32
N ALA B 29 -25.41 26.78 13.33
CA ALA B 29 -24.05 27.26 13.40
C ALA B 29 -23.00 26.20 13.19
N ALA B 30 -23.20 25.02 13.78
CA ALA B 30 -22.23 23.92 13.62
C ALA B 30 -22.30 23.20 12.25
N ARG B 31 -23.15 23.68 11.35
CA ARG B 31 -23.23 23.11 10.02
C ARG B 31 -22.50 23.99 9.00
N GLU B 32 -21.87 25.06 9.50
CA GLU B 32 -21.16 26.02 8.67
C GLU B 32 -19.67 25.81 8.83
N VAL B 33 -18.99 25.50 7.72
CA VAL B 33 -17.55 25.23 7.72
C VAL B 33 -16.72 26.07 6.72
N LYS B 34 -15.86 26.94 7.25
CA LYS B 34 -14.89 27.65 6.42
C LYS B 34 -13.64 26.82 6.44
N LEU B 35 -13.34 26.23 5.29
CA LEU B 35 -12.19 25.35 5.15
C LEU B 35 -11.12 25.97 4.24
N LEU B 36 -9.90 26.03 4.74
CA LEU B 36 -8.74 26.48 3.97
C LEU B 36 -7.86 25.32 3.54
N LEU B 37 -7.67 25.14 2.23
CA LEU B 37 -6.64 24.20 1.76
C LEU B 37 -5.31 24.93 1.69
N LEU B 38 -4.35 24.51 2.50
CA LEU B 38 -3.05 25.17 2.50
C LEU B 38 -1.93 24.22 2.12
N GLY B 39 -0.70 24.60 2.44
CA GLY B 39 0.46 23.81 2.03
C GLY B 39 1.24 24.41 0.86
N ALA B 40 2.56 24.18 0.91
CA ALA B 40 3.49 24.56 -0.14
C ALA B 40 2.98 24.26 -1.56
N GLY B 41 3.71 24.69 -2.56
CA GLY B 41 3.21 24.58 -3.93
C GLY B 41 3.37 23.22 -4.56
N GLU B 42 2.44 22.88 -5.43
CA GLU B 42 2.43 21.57 -6.10
C GLU B 42 2.09 20.41 -5.15
N SER B 43 1.55 20.74 -3.98
CA SER B 43 1.23 19.76 -2.94
C SER B 43 0.01 18.93 -3.24
N GLY B 44 -1.00 19.51 -3.87
CA GLY B 44 -2.19 18.75 -4.24
C GLY B 44 -3.52 19.49 -3.99
N LYS B 45 -3.42 20.64 -3.32
CA LYS B 45 -4.58 21.48 -2.94
C LYS B 45 -5.61 21.63 -4.02
N SER B 46 -5.19 21.90 -5.23
CA SER B 46 -6.15 22.10 -6.30
C SER B 46 -6.74 20.76 -6.73
N THR B 47 -5.99 19.67 -6.55
CA THR B 47 -6.46 18.33 -6.93
C THR B 47 -7.57 17.85 -6.01
N ILE B 48 -7.34 17.99 -4.70
CA ILE B 48 -8.37 17.76 -3.68
C ILE B 48 -9.63 18.49 -4.11
N VAL B 49 -9.51 19.82 -4.31
CA VAL B 49 -10.62 20.66 -4.77
C VAL B 49 -11.35 20.10 -5.99
N LYS B 50 -10.60 19.60 -6.99
CA LYS B 50 -11.24 18.97 -8.14
C LYS B 50 -12.08 17.81 -7.65
N GLN B 51 -11.52 17.05 -6.69
CA GLN B 51 -12.21 15.89 -6.09
C GLN B 51 -13.53 16.31 -5.49
N MET B 52 -13.52 17.36 -4.67
CA MET B 52 -14.77 17.85 -4.07
C MET B 52 -15.73 18.14 -5.18
N LYS B 53 -15.21 18.60 -6.31
CA LYS B 53 -16.06 18.94 -7.44
C LYS B 53 -16.62 17.67 -8.04
N ILE B 54 -15.83 16.59 -7.98
CA ILE B 54 -16.21 15.30 -8.55
C ILE B 54 -17.18 14.53 -7.68
N ILE B 55 -16.85 14.44 -6.40
CA ILE B 55 -17.60 13.68 -5.42
C ILE B 55 -18.90 14.38 -5.05
N HIS B 56 -18.77 15.60 -4.54
CA HIS B 56 -19.93 16.29 -4.03
C HIS B 56 -20.76 17.05 -5.05
N GLU B 57 -20.12 17.83 -5.91
CA GLU B 57 -20.94 18.57 -6.84
C GLU B 57 -21.55 17.76 -7.96
N ALA B 58 -20.81 17.42 -9.00
CA ALA B 58 -21.40 16.66 -10.09
C ALA B 58 -20.39 15.84 -10.85
N GLY B 59 -19.12 16.21 -10.71
CA GLY B 59 -18.08 15.54 -11.46
C GLY B 59 -17.82 16.36 -12.71
N TYR B 60 -17.12 15.77 -13.66
CA TYR B 60 -16.80 16.47 -14.89
C TYR B 60 -17.58 15.92 -16.06
N SER B 61 -18.41 16.78 -16.63
CA SER B 61 -19.17 16.47 -17.83
C SER B 61 -18.15 16.28 -18.95
N GLU B 62 -18.56 15.60 -20.01
CA GLU B 62 -17.67 15.36 -21.13
C GLU B 62 -17.16 16.68 -21.71
N GLU B 63 -18.02 17.70 -21.73
CA GLU B 63 -17.63 19.00 -22.25
C GLU B 63 -16.56 19.63 -21.36
N GLU B 64 -16.70 19.44 -20.06
CA GLU B 64 -15.74 19.99 -19.09
C GLU B 64 -14.36 19.36 -19.27
N CYS B 65 -14.34 18.08 -19.62
CA CYS B 65 -13.08 17.37 -19.83
C CYS B 65 -12.36 17.85 -21.09
N LYS B 66 -13.15 18.22 -22.09
CA LYS B 66 -12.63 18.67 -23.38
C LYS B 66 -11.79 19.93 -23.18
N GLN B 67 -12.29 20.85 -22.37
CA GLN B 67 -11.56 22.07 -22.05
C GLN B 67 -10.21 21.85 -21.38
N TYR B 68 -9.91 20.61 -21.01
CA TYR B 68 -8.63 20.27 -20.38
C TYR B 68 -7.66 19.63 -21.37
N LYS B 69 -8.19 19.22 -22.53
CA LYS B 69 -7.41 18.60 -23.60
C LYS B 69 -6.21 19.46 -23.91
N ALA B 70 -6.44 20.77 -23.98
CA ALA B 70 -5.40 21.75 -24.19
C ALA B 70 -4.34 21.65 -23.11
N VAL B 71 -4.80 21.50 -21.86
CA VAL B 71 -3.90 21.43 -20.69
C VAL B 71 -3.14 20.10 -20.66
N VAL B 72 -3.78 19.03 -21.13
CA VAL B 72 -3.13 17.73 -21.17
C VAL B 72 -1.90 17.83 -22.07
N TYR B 73 -2.13 18.26 -23.32
CA TYR B 73 -1.10 18.46 -24.36
C TYR B 73 0.00 19.43 -23.92
N SER B 74 -0.42 20.61 -23.47
CA SER B 74 0.50 21.57 -22.92
C SER B 74 1.39 20.89 -21.86
N ASN B 75 0.75 20.15 -20.94
CA ASN B 75 1.40 19.49 -19.80
C ASN B 75 2.44 18.48 -20.28
N THR B 76 2.04 17.71 -21.28
CA THR B 76 2.86 16.65 -21.87
C THR B 76 4.07 17.27 -22.55
N ILE B 77 3.80 18.19 -23.48
CA ILE B 77 4.83 18.89 -24.24
C ILE B 77 5.86 19.53 -23.31
N GLN B 78 5.41 20.33 -22.37
CA GLN B 78 6.35 20.99 -21.47
C GLN B 78 7.20 19.95 -20.75
N SER B 79 6.61 18.80 -20.47
CA SER B 79 7.28 17.77 -19.68
C SER B 79 8.45 17.16 -20.42
N ILE B 80 8.22 16.75 -21.66
CA ILE B 80 9.30 16.18 -22.47
C ILE B 80 10.40 17.21 -22.69
N ILE B 81 10.00 18.43 -23.08
CA ILE B 81 10.93 19.55 -23.23
C ILE B 81 11.75 19.75 -21.96
N ALA B 82 11.09 19.66 -20.81
CA ALA B 82 11.78 19.86 -19.56
C ALA B 82 12.89 18.85 -19.41
N ILE B 83 12.57 17.59 -19.75
CA ILE B 83 13.52 16.47 -19.59
C ILE B 83 14.70 16.66 -20.54
N ILE B 84 14.38 17.00 -21.79
CA ILE B 84 15.37 17.24 -22.84
C ILE B 84 16.34 18.38 -22.49
N ARG B 85 15.82 19.56 -22.17
CA ARG B 85 16.66 20.65 -21.70
C ARG B 85 17.56 20.18 -20.57
N ALA B 86 17.08 19.23 -19.77
CA ALA B 86 17.83 18.71 -18.62
C ALA B 86 19.05 17.86 -19.03
N MET B 87 18.96 17.20 -20.17
CA MET B 87 20.07 16.34 -20.58
C MET B 87 21.42 17.03 -20.59
N GLY B 88 21.46 18.22 -21.19
CA GLY B 88 22.70 18.96 -21.28
C GLY B 88 23.34 19.19 -19.93
N ARG B 89 22.60 19.82 -19.03
CA ARG B 89 23.15 20.18 -17.73
C ARG B 89 23.56 18.97 -16.91
N LEU B 90 22.96 17.82 -17.24
CA LEU B 90 23.24 16.55 -16.56
C LEU B 90 24.37 15.73 -17.18
N LYS B 91 24.64 15.93 -18.46
CA LYS B 91 25.67 15.18 -19.17
C LYS B 91 25.13 13.81 -19.55
N ILE B 92 23.95 13.79 -20.16
CA ILE B 92 23.29 12.54 -20.52
C ILE B 92 23.05 12.56 -22.03
N ASP B 93 23.90 11.86 -22.78
CA ASP B 93 23.75 11.83 -24.24
C ASP B 93 22.55 11.00 -24.55
N PHE B 94 21.95 11.21 -25.71
CA PHE B 94 20.82 10.40 -26.13
C PHE B 94 21.28 8.95 -26.25
N GLY B 95 20.33 8.03 -26.19
CA GLY B 95 20.71 6.65 -26.40
C GLY B 95 21.19 6.58 -27.83
N ASP B 96 20.39 7.19 -28.71
CA ASP B 96 20.62 7.21 -30.14
C ASP B 96 20.88 8.68 -30.46
N ALA B 97 21.98 8.96 -31.17
CA ALA B 97 22.28 10.34 -31.57
C ALA B 97 21.25 10.79 -32.59
N ALA B 98 20.55 9.84 -33.19
CA ALA B 98 19.50 10.14 -34.16
C ALA B 98 18.45 11.02 -33.52
N ARG B 99 18.49 11.08 -32.19
CA ARG B 99 17.54 11.83 -31.38
C ARG B 99 17.76 13.34 -31.33
N ALA B 100 19.02 13.76 -31.51
CA ALA B 100 19.39 15.17 -31.53
C ALA B 100 18.55 15.93 -32.57
N ASP B 101 18.29 15.27 -33.69
CA ASP B 101 17.45 15.85 -34.71
C ASP B 101 16.13 16.07 -34.03
N ASP B 102 15.48 14.95 -33.68
CA ASP B 102 14.17 14.92 -33.03
C ASP B 102 14.04 15.96 -31.94
N ALA B 103 15.02 16.01 -31.05
CA ALA B 103 15.00 16.92 -29.94
C ALA B 103 14.79 18.34 -30.44
N ARG B 104 15.60 18.75 -31.42
CA ARG B 104 15.48 20.09 -32.00
C ARG B 104 14.22 20.28 -32.83
N GLN B 105 13.78 19.22 -33.50
CA GLN B 105 12.49 19.23 -34.19
C GLN B 105 11.33 19.39 -33.20
N LEU B 106 11.56 19.01 -31.94
CA LEU B 106 10.54 19.09 -30.90
C LEU B 106 10.24 20.55 -30.65
N PHE B 107 11.30 21.31 -30.38
CA PHE B 107 11.17 22.73 -30.04
C PHE B 107 10.50 23.55 -31.16
N VAL B 108 10.96 23.35 -32.38
CA VAL B 108 10.39 24.03 -33.54
C VAL B 108 8.91 23.74 -33.57
N LEU B 109 8.56 22.48 -33.40
CA LEU B 109 7.17 22.03 -33.41
C LEU B 109 6.36 22.49 -32.20
N ALA B 110 7.01 22.59 -31.05
CA ALA B 110 6.36 22.94 -29.80
C ALA B 110 5.81 24.35 -29.89
N GLY B 111 6.70 25.29 -30.14
CA GLY B 111 6.32 26.70 -30.24
C GLY B 111 5.54 27.06 -31.49
N ALA B 112 4.99 26.05 -32.15
CA ALA B 112 4.21 26.28 -33.35
C ALA B 112 2.75 25.88 -33.16
N ALA B 113 2.50 24.93 -32.26
CA ALA B 113 1.16 24.38 -32.09
C ALA B 113 0.16 25.31 -31.41
N GLU B 114 -1.11 25.15 -31.77
CA GLU B 114 -2.21 25.90 -31.16
C GLU B 114 -2.59 25.17 -29.87
N GLU B 115 -3.35 25.84 -29.00
CA GLU B 115 -3.90 25.18 -27.82
C GLU B 115 -5.01 24.25 -28.29
N GLY B 116 -4.95 22.99 -27.88
CA GLY B 116 -6.04 22.07 -28.19
C GLY B 116 -5.73 20.98 -29.17
N PHE B 117 -4.84 21.23 -30.12
CA PHE B 117 -4.52 20.24 -31.15
C PHE B 117 -3.10 19.72 -31.04
N MET B 118 -2.87 18.49 -31.49
CA MET B 118 -1.54 17.91 -31.53
C MET B 118 -1.33 17.20 -32.86
N THR B 119 -0.26 17.56 -33.54
CA THR B 119 0.06 16.93 -34.82
C THR B 119 0.67 15.55 -34.64
N ALA B 120 0.43 14.67 -35.61
CA ALA B 120 1.01 13.33 -35.57
C ALA B 120 2.51 13.43 -35.66
N GLU B 121 2.99 14.55 -36.21
CA GLU B 121 4.42 14.75 -36.36
C GLU B 121 5.06 15.02 -34.99
N LEU B 122 4.50 16.02 -34.29
CA LEU B 122 4.97 16.39 -32.95
C LEU B 122 4.93 15.16 -32.06
N ALA B 123 3.82 14.44 -32.17
CA ALA B 123 3.61 13.22 -31.40
C ALA B 123 4.77 12.25 -31.60
N GLY B 124 5.01 11.89 -32.85
CA GLY B 124 6.06 10.93 -33.17
C GLY B 124 7.40 11.35 -32.60
N VAL B 125 7.63 12.66 -32.58
CA VAL B 125 8.90 13.19 -32.09
C VAL B 125 8.95 12.93 -30.60
N ILE B 126 7.82 13.21 -29.95
CA ILE B 126 7.66 12.97 -28.52
C ILE B 126 7.86 11.48 -28.21
N LYS B 127 7.11 10.63 -28.91
CA LYS B 127 7.21 9.18 -28.74
C LYS B 127 8.65 8.68 -28.80
N ARG B 128 9.35 9.02 -29.90
CA ARG B 128 10.73 8.61 -30.14
C ARG B 128 11.65 9.18 -29.08
N LEU B 129 11.39 10.42 -28.71
CA LEU B 129 12.26 11.04 -27.74
C LEU B 129 12.10 10.33 -26.41
N TRP B 130 10.84 10.11 -26.03
CA TRP B 130 10.48 9.48 -24.76
C TRP B 130 11.04 8.06 -24.65
N LYS B 131 10.93 7.30 -25.74
CA LYS B 131 11.39 5.92 -25.75
C LYS B 131 12.89 5.81 -25.69
N ASP B 132 13.59 6.93 -25.73
CA ASP B 132 15.03 6.89 -25.85
C ASP B 132 15.68 6.51 -24.57
N SER B 133 16.62 5.59 -24.68
CA SER B 133 17.46 5.17 -23.58
C SER B 133 17.96 6.35 -22.74
N GLY B 134 18.41 7.40 -23.43
CA GLY B 134 19.01 8.58 -22.80
C GLY B 134 18.04 9.58 -22.18
N VAL B 135 17.04 9.99 -22.95
CA VAL B 135 15.94 10.77 -22.41
C VAL B 135 15.51 10.11 -21.07
N GLN B 136 15.18 8.82 -21.13
CA GLN B 136 14.85 8.02 -19.95
C GLN B 136 15.88 8.14 -18.83
N ALA B 137 17.16 8.06 -19.16
CA ALA B 137 18.17 8.21 -18.12
C ALA B 137 17.98 9.55 -17.44
N CYS B 138 17.62 10.56 -18.24
CA CYS B 138 17.42 11.90 -17.71
C CYS B 138 16.17 11.93 -16.85
N PHE B 139 15.08 11.42 -17.42
CA PHE B 139 13.83 11.26 -16.70
C PHE B 139 14.05 10.64 -15.33
N ASN B 140 14.82 9.56 -15.25
CA ASN B 140 15.09 8.96 -13.95
C ASN B 140 15.96 9.81 -13.06
N ARG B 141 16.37 10.97 -13.53
CA ARG B 141 17.15 11.86 -12.70
C ARG B 141 16.45 13.18 -12.48
N SER B 142 15.16 13.21 -12.75
CA SER B 142 14.41 14.41 -12.62
C SER B 142 14.45 15.13 -11.28
N ARG B 143 15.03 14.54 -10.24
CA ARG B 143 15.05 15.26 -8.96
C ARG B 143 16.05 16.38 -9.06
N GLU B 144 16.87 16.29 -10.09
CA GLU B 144 17.90 17.29 -10.33
C GLU B 144 17.32 18.48 -11.06
N TYR B 145 16.45 18.24 -12.03
CA TYR B 145 15.73 19.35 -12.60
C TYR B 145 14.40 19.61 -11.91
N GLN B 146 13.35 19.85 -12.70
CA GLN B 146 12.00 20.16 -12.19
C GLN B 146 10.95 19.65 -13.17
N LEU B 147 10.31 18.54 -12.84
CA LEU B 147 9.40 17.91 -13.76
C LEU B 147 7.99 17.73 -13.18
N ASN B 148 6.98 17.74 -14.03
CA ASN B 148 5.60 17.62 -13.61
C ASN B 148 5.35 16.20 -13.17
N ASP B 149 4.75 16.03 -11.99
CA ASP B 149 4.39 14.69 -11.47
C ASP B 149 3.73 13.82 -12.52
N SER B 150 2.85 14.38 -13.34
CA SER B 150 2.15 13.60 -14.33
C SER B 150 2.91 13.45 -15.62
N ALA B 151 4.22 13.70 -15.59
CA ALA B 151 5.06 13.60 -16.80
C ALA B 151 4.89 12.22 -17.42
N ALA B 152 5.40 11.19 -16.71
CA ALA B 152 5.30 9.81 -17.19
C ALA B 152 3.86 9.40 -17.43
N TYR B 153 2.94 9.91 -16.60
CA TYR B 153 1.52 9.58 -16.77
C TYR B 153 1.03 9.89 -18.15
N TYR B 154 1.35 11.09 -18.63
CA TYR B 154 0.88 11.52 -19.95
C TYR B 154 1.74 10.95 -21.07
N LEU B 155 3.05 10.88 -20.82
CA LEU B 155 3.96 10.39 -21.82
C LEU B 155 3.75 8.91 -22.18
N ASN B 156 3.59 8.06 -21.16
CA ASN B 156 3.34 6.64 -21.35
C ASN B 156 1.97 6.43 -21.96
N ASP B 157 1.10 7.42 -21.89
CA ASP B 157 -0.24 7.33 -22.45
C ASP B 157 -0.34 8.21 -23.69
N LEU B 158 0.82 8.61 -24.22
CA LEU B 158 0.90 9.55 -25.33
C LEU B 158 0.12 9.17 -26.56
N ASP B 159 0.20 7.91 -26.97
CA ASP B 159 -0.53 7.47 -28.14
C ASP B 159 -2.00 7.85 -27.97
N ARG B 160 -2.59 7.38 -26.87
CA ARG B 160 -3.97 7.68 -26.51
C ARG B 160 -4.31 9.18 -26.56
N ILE B 161 -3.50 9.99 -25.91
CA ILE B 161 -3.79 11.42 -25.81
C ILE B 161 -3.50 12.20 -27.09
N ALA B 162 -2.64 11.65 -27.94
CA ALA B 162 -2.19 12.37 -29.14
C ALA B 162 -3.22 12.42 -30.28
N GLN B 163 -4.24 11.58 -30.20
CA GLN B 163 -5.25 11.50 -31.25
C GLN B 163 -6.16 12.73 -31.38
N PRO B 164 -6.76 12.92 -32.57
CA PRO B 164 -7.67 14.03 -32.88
C PRO B 164 -9.01 13.85 -32.19
N ASN B 165 -9.43 12.60 -32.04
CA ASN B 165 -10.72 12.29 -31.43
C ASN B 165 -10.55 12.02 -29.95
N TYR B 166 -9.63 12.76 -29.33
CA TYR B 166 -9.31 12.60 -27.92
C TYR B 166 -10.07 13.60 -27.04
N ILE B 167 -10.65 13.08 -25.96
CA ILE B 167 -11.30 13.89 -24.94
C ILE B 167 -10.86 13.32 -23.58
N PRO B 168 -10.17 14.13 -22.78
CA PRO B 168 -9.66 13.75 -21.46
C PRO B 168 -10.63 13.00 -20.56
N THR B 169 -10.11 11.96 -19.92
CA THR B 169 -10.86 11.24 -18.92
C THR B 169 -10.74 12.01 -17.61
N GLN B 170 -11.48 11.60 -16.58
CA GLN B 170 -11.42 12.30 -15.31
C GLN B 170 -10.04 12.20 -14.69
N GLN B 171 -9.37 11.07 -14.92
CA GLN B 171 -8.05 10.89 -14.33
C GLN B 171 -7.07 11.84 -14.99
N ASP B 172 -7.23 11.99 -16.30
CA ASP B 172 -6.46 12.97 -17.09
C ASP B 172 -6.64 14.36 -16.49
N VAL B 173 -7.88 14.82 -16.46
CA VAL B 173 -8.22 16.13 -15.90
C VAL B 173 -7.65 16.31 -14.50
N LEU B 174 -7.57 15.22 -13.74
CA LEU B 174 -7.09 15.25 -12.36
C LEU B 174 -5.59 15.34 -12.33
N ARG B 175 -4.97 14.81 -13.38
CA ARG B 175 -3.53 14.79 -13.50
C ARG B 175 -2.95 16.10 -13.99
N THR B 176 -3.79 16.93 -14.61
CA THR B 176 -3.33 18.19 -15.20
C THR B 176 -2.60 19.05 -14.18
N ARG B 177 -1.69 19.88 -14.66
CA ARG B 177 -0.97 20.81 -13.81
C ARG B 177 -1.39 22.18 -14.30
N VAL B 178 -1.64 23.07 -13.35
CA VAL B 178 -2.06 24.44 -13.59
C VAL B 178 -1.76 25.17 -12.30
N LYS B 179 -0.58 25.77 -12.22
CA LYS B 179 -0.18 26.50 -11.03
C LYS B 179 -1.31 27.41 -10.63
N THR B 180 -1.58 27.51 -9.34
CA THR B 180 -2.71 28.31 -8.89
C THR B 180 -2.16 29.60 -8.35
N THR B 181 -2.67 30.71 -8.85
CA THR B 181 -2.26 31.99 -8.30
C THR B 181 -3.45 32.68 -7.62
N GLY B 182 -3.18 33.25 -6.45
CA GLY B 182 -4.23 33.93 -5.71
C GLY B 182 -4.98 33.10 -4.68
N ILE B 183 -6.29 33.31 -4.62
CA ILE B 183 -7.14 32.67 -3.63
C ILE B 183 -8.51 32.43 -4.22
N VAL B 184 -8.86 31.17 -4.48
CA VAL B 184 -10.15 30.84 -5.09
C VAL B 184 -11.09 30.25 -4.05
N GLU B 185 -12.35 30.68 -4.10
CA GLU B 185 -13.34 30.27 -3.11
C GLU B 185 -14.42 29.47 -3.81
N THR B 186 -14.76 28.34 -3.21
CA THR B 186 -15.74 27.41 -3.76
C THR B 186 -16.73 27.05 -2.66
N HIS B 187 -17.98 26.86 -3.05
CA HIS B 187 -19.04 26.52 -2.11
C HIS B 187 -19.65 25.19 -2.50
N PHE B 188 -19.84 24.31 -1.52
CA PHE B 188 -20.51 23.01 -1.72
C PHE B 188 -21.07 22.46 -0.39
N THR B 189 -22.01 21.52 -0.48
CA THR B 189 -22.66 20.92 0.68
C THR B 189 -22.41 19.42 0.86
N PHE B 190 -22.01 19.02 2.07
CA PHE B 190 -21.80 17.62 2.37
C PHE B 190 -22.23 17.23 3.80
N LYS B 191 -22.95 16.12 3.90
CA LYS B 191 -23.52 15.64 5.17
C LYS B 191 -24.26 16.77 5.86
N ASP B 192 -25.08 17.47 5.08
CA ASP B 192 -25.84 18.61 5.57
C ASP B 192 -24.97 19.78 6.05
N LEU B 193 -23.65 19.66 5.86
CA LEU B 193 -22.73 20.75 6.12
C LEU B 193 -22.61 21.67 4.90
N HIS B 194 -22.34 22.95 5.16
CA HIS B 194 -22.14 23.95 4.15
C HIS B 194 -20.69 24.38 4.19
N PHE B 195 -19.98 24.07 3.11
CA PHE B 195 -18.55 24.36 3.01
C PHE B 195 -18.25 25.60 2.18
N LYS B 196 -17.42 26.47 2.74
CA LYS B 196 -16.82 27.60 2.02
C LYS B 196 -15.36 27.25 2.01
N MET B 197 -14.92 26.74 0.86
CA MET B 197 -13.58 26.20 0.69
C MET B 197 -12.69 27.19 -0.04
N PHE B 198 -11.47 27.36 0.47
CA PHE B 198 -10.55 28.35 -0.02
C PHE B 198 -9.28 27.73 -0.54
N ASP B 199 -9.18 27.55 -1.85
CA ASP B 199 -7.95 27.04 -2.45
C ASP B 199 -6.92 28.17 -2.56
N VAL B 200 -5.64 27.88 -2.37
CA VAL B 200 -4.63 28.95 -2.42
C VAL B 200 -3.34 28.55 -3.15
N GLY B 201 -2.55 29.54 -3.53
CA GLY B 201 -1.27 29.29 -4.18
C GLY B 201 -0.28 28.91 -3.11
N GLY B 202 0.60 27.98 -3.42
CA GLY B 202 1.49 27.48 -2.40
C GLY B 202 2.84 28.15 -2.35
N GLN B 203 3.20 28.75 -3.50
CA GLN B 203 4.54 29.32 -3.65
C GLN B 203 4.84 30.44 -2.69
N ARG B 204 6.10 30.56 -2.34
CA ARG B 204 6.53 31.53 -1.34
C ARG B 204 5.92 32.90 -1.62
N SER B 205 5.86 33.26 -2.89
CA SER B 205 5.35 34.57 -3.29
C SER B 205 3.87 34.67 -3.02
N GLU B 206 3.18 33.54 -3.06
CA GLU B 206 1.74 33.52 -2.87
C GLU B 206 1.32 33.63 -1.41
N ARG B 207 2.23 33.28 -0.52
CA ARG B 207 1.83 33.18 0.87
C ARG B 207 1.46 34.47 1.58
N LYS B 208 1.94 35.60 1.08
CA LYS B 208 1.62 36.88 1.72
C LYS B 208 0.15 37.20 1.53
N LYS B 209 -0.49 36.55 0.57
CA LYS B 209 -1.90 36.77 0.34
C LYS B 209 -2.79 35.90 1.24
N TRP B 210 -2.19 34.90 1.91
CA TRP B 210 -2.93 33.91 2.71
C TRP B 210 -3.82 34.51 3.80
N ILE B 211 -3.27 35.46 4.55
CA ILE B 211 -3.97 36.10 5.65
C ILE B 211 -5.27 36.79 5.23
N HIS B 212 -5.48 36.95 3.95
CA HIS B 212 -6.74 37.50 3.52
C HIS B 212 -7.90 36.58 3.84
N CYS B 213 -7.61 35.31 4.13
CA CYS B 213 -8.67 34.34 4.43
C CYS B 213 -8.53 33.62 5.78
N PHE B 214 -7.63 34.12 6.62
CA PHE B 214 -7.38 33.53 7.93
C PHE B 214 -8.45 33.77 9.00
N GLU B 215 -9.59 34.34 8.63
CA GLU B 215 -10.55 34.71 9.66
C GLU B 215 -11.75 33.80 9.78
N GLY B 216 -11.96 33.26 10.97
CA GLY B 216 -13.12 32.43 11.22
C GLY B 216 -13.02 31.13 10.45
N VAL B 217 -11.88 30.48 10.63
CA VAL B 217 -11.58 29.23 9.93
C VAL B 217 -12.02 28.02 10.77
N THR B 218 -13.01 27.28 10.25
CA THR B 218 -13.46 26.04 10.90
C THR B 218 -12.30 25.03 10.89
N ALA B 219 -11.90 24.65 9.67
CA ALA B 219 -10.86 23.66 9.47
C ALA B 219 -9.85 24.06 8.38
N ILE B 220 -8.63 23.56 8.53
CA ILE B 220 -7.58 23.67 7.52
C ILE B 220 -7.19 22.25 7.11
N ILE B 221 -7.25 21.94 5.82
CA ILE B 221 -6.63 20.73 5.29
C ILE B 221 -5.24 21.17 4.80
N PHE B 222 -4.18 20.69 5.46
CA PHE B 222 -2.81 21.04 5.07
C PHE B 222 -2.07 19.93 4.27
N CYS B 223 -2.12 20.00 2.94
CA CYS B 223 -1.43 19.04 2.08
C CYS B 223 0.10 19.06 2.17
N VAL B 224 0.69 17.89 2.00
CA VAL B 224 2.14 17.71 1.97
C VAL B 224 2.44 16.63 0.96
N ALA B 225 3.22 16.93 -0.08
CA ALA B 225 3.55 15.92 -1.05
C ALA B 225 4.65 15.10 -0.46
N LEU B 226 4.31 13.88 -0.08
CA LEU B 226 5.27 12.99 0.58
C LEU B 226 6.49 12.77 -0.31
N SER B 227 6.25 12.79 -1.63
CA SER B 227 7.29 12.52 -2.60
C SER B 227 8.22 13.67 -2.89
N ASP B 228 8.19 14.70 -2.05
CA ASP B 228 9.03 15.90 -2.18
C ASP B 228 10.22 15.81 -1.26
N TYR B 229 10.49 14.63 -0.72
CA TYR B 229 11.59 14.52 0.23
C TYR B 229 12.94 14.66 -0.48
N ASP B 230 12.95 14.37 -1.78
CA ASP B 230 14.19 14.38 -2.55
C ASP B 230 14.18 15.44 -3.66
N LEU B 231 13.33 16.45 -3.50
CA LEU B 231 13.25 17.56 -4.44
C LEU B 231 13.60 18.91 -3.79
N VAL B 232 13.76 19.92 -4.65
CA VAL B 232 13.96 21.31 -4.20
C VAL B 232 12.85 22.19 -4.77
N LEU B 233 12.62 23.33 -4.13
CA LEU B 233 11.53 24.23 -4.55
C LEU B 233 11.74 24.80 -5.94
N ALA B 234 10.70 24.80 -6.76
CA ALA B 234 10.82 25.38 -8.10
C ALA B 234 11.31 26.80 -7.97
N GLU B 235 10.73 27.52 -7.03
CA GLU B 235 11.08 28.92 -6.80
C GLU B 235 12.37 29.12 -6.04
N ASP B 236 13.05 28.06 -5.62
CA ASP B 236 14.31 28.21 -4.88
C ASP B 236 15.10 26.89 -4.81
N GLU B 237 15.99 26.70 -5.77
CA GLU B 237 16.82 25.49 -5.93
C GLU B 237 17.62 25.03 -4.72
N GLU B 238 17.76 25.89 -3.70
CA GLU B 238 18.58 25.56 -2.53
C GLU B 238 17.73 25.05 -1.38
N MET B 239 16.43 24.98 -1.59
CA MET B 239 15.53 24.56 -0.53
C MET B 239 14.92 23.21 -0.88
N ASN B 240 15.00 22.29 0.08
CA ASN B 240 14.40 20.96 -0.05
C ASN B 240 12.92 21.19 0.18
N ARG B 241 12.08 20.69 -0.72
CA ARG B 241 10.65 20.94 -0.60
C ARG B 241 10.04 20.43 0.71
N MET B 242 10.45 19.23 1.15
CA MET B 242 9.92 18.62 2.36
C MET B 242 10.19 19.59 3.48
N HIS B 243 11.45 20.01 3.61
CA HIS B 243 11.85 21.00 4.61
C HIS B 243 11.12 22.33 4.48
N GLU B 244 10.80 22.73 3.25
CA GLU B 244 9.97 23.91 3.04
C GLU B 244 8.61 23.69 3.71
N SER B 245 7.96 22.56 3.38
CA SER B 245 6.65 22.20 3.92
C SER B 245 6.67 22.14 5.43
N MET B 246 7.69 21.48 5.97
CA MET B 246 7.78 21.36 7.42
C MET B 246 7.70 22.73 8.02
N LYS B 247 8.55 23.63 7.52
CA LYS B 247 8.60 25.03 7.96
C LYS B 247 7.23 25.68 7.85
N LEU B 248 6.63 25.57 6.68
CA LEU B 248 5.34 26.18 6.44
C LEU B 248 4.32 25.66 7.45
N PHE B 249 4.28 24.34 7.64
CA PHE B 249 3.35 23.70 8.57
C PHE B 249 3.60 24.13 10.02
N ASP B 250 4.85 24.07 10.46
CA ASP B 250 5.19 24.53 11.81
C ASP B 250 4.58 25.92 11.97
N SER B 251 4.62 26.71 10.90
CA SER B 251 4.11 28.06 10.92
C SER B 251 2.59 28.11 11.01
N ILE B 252 1.91 27.57 10.01
CA ILE B 252 0.43 27.55 10.00
C ILE B 252 -0.14 26.87 11.25
N CYS B 253 0.31 25.64 11.49
CA CYS B 253 -0.14 24.84 12.62
C CYS B 253 -0.13 25.62 13.94
N ASN B 254 1.04 26.13 14.30
CA ASN B 254 1.17 26.85 15.55
C ASN B 254 0.66 28.29 15.49
N ASN B 255 0.06 28.69 14.38
CA ASN B 255 -0.40 30.06 14.19
C ASN B 255 -1.59 30.37 15.08
N LYS B 256 -1.53 31.52 15.74
CA LYS B 256 -2.55 31.96 16.67
C LYS B 256 -3.95 32.07 16.06
N TRP B 257 -4.04 32.48 14.80
CA TRP B 257 -5.33 32.59 14.15
C TRP B 257 -6.03 31.23 14.17
N PHE B 258 -5.22 30.19 14.29
CA PHE B 258 -5.68 28.81 14.14
C PHE B 258 -5.74 27.97 15.41
N THR B 259 -5.82 28.66 16.56
CA THR B 259 -5.87 28.05 17.89
C THR B 259 -7.03 27.07 18.05
N ASP B 260 -8.20 27.45 17.57
CA ASP B 260 -9.36 26.59 17.72
C ASP B 260 -9.88 26.12 16.36
N THR B 261 -8.97 25.69 15.51
CA THR B 261 -9.34 25.22 14.19
C THR B 261 -8.90 23.76 14.08
N SER B 262 -9.70 22.96 13.40
CA SER B 262 -9.37 21.56 13.16
C SER B 262 -8.30 21.54 12.10
N ILE B 263 -7.06 21.36 12.54
CA ILE B 263 -5.96 21.25 11.62
C ILE B 263 -5.77 19.83 11.15
N ILE B 264 -6.26 19.55 9.95
CA ILE B 264 -6.14 18.26 9.30
C ILE B 264 -4.85 18.28 8.44
N LEU B 265 -4.10 17.19 8.42
CA LEU B 265 -2.86 17.10 7.63
C LEU B 265 -2.98 16.02 6.55
N PHE B 266 -2.88 16.40 5.27
CA PHE B 266 -2.95 15.45 4.16
C PHE B 266 -1.56 15.10 3.65
N LEU B 267 -0.97 14.01 4.14
CA LEU B 267 0.27 13.48 3.61
C LEU B 267 -0.04 12.86 2.24
N ASN B 268 0.01 13.71 1.22
CA ASN B 268 -0.44 13.39 -0.16
C ASN B 268 0.66 12.75 -1.02
N LYS B 269 0.27 12.32 -2.23
CA LYS B 269 1.18 11.72 -3.21
C LYS B 269 1.75 10.41 -2.69
N LYS B 270 1.00 9.70 -1.84
CA LYS B 270 1.50 8.45 -1.25
C LYS B 270 1.78 7.40 -2.34
N ASP B 271 1.09 7.53 -3.47
CA ASP B 271 1.37 6.66 -4.60
C ASP B 271 2.75 6.89 -5.17
N LEU B 272 3.06 8.16 -5.43
CA LEU B 272 4.36 8.54 -5.97
C LEU B 272 5.41 8.23 -4.93
N PHE B 273 5.12 8.55 -3.67
CA PHE B 273 6.08 8.33 -2.60
C PHE B 273 6.46 6.87 -2.48
N GLU B 274 5.49 6.01 -2.78
CA GLU B 274 5.70 4.60 -2.57
C GLU B 274 6.74 4.06 -3.53
N GLU B 275 6.60 4.44 -4.81
CA GLU B 275 7.54 4.04 -5.87
C GLU B 275 8.91 4.71 -5.62
N LYS B 276 8.86 6.00 -5.31
CA LYS B 276 10.06 6.77 -5.09
C LYS B 276 10.96 6.24 -3.98
N ILE B 277 10.35 5.74 -2.90
CA ILE B 277 11.14 5.32 -1.72
C ILE B 277 11.88 3.99 -1.93
N LYS B 278 11.53 3.29 -3.01
CA LYS B 278 12.24 2.07 -3.35
C LYS B 278 13.64 2.43 -3.81
N LYS B 279 13.71 3.48 -4.64
CA LYS B 279 14.94 4.00 -5.27
C LYS B 279 15.63 5.09 -4.45
N SER B 280 14.93 6.17 -4.14
CA SER B 280 15.56 7.31 -3.50
C SER B 280 15.44 7.30 -1.98
N PRO B 281 16.58 7.25 -1.28
CA PRO B 281 16.63 7.22 0.18
C PRO B 281 16.01 8.43 0.85
N LEU B 282 15.38 8.22 1.99
CA LEU B 282 14.77 9.30 2.75
C LEU B 282 15.81 10.12 3.56
N THR B 283 17.05 9.66 3.60
CA THR B 283 18.06 10.42 4.31
C THR B 283 18.42 11.67 3.53
N ILE B 284 18.12 11.65 2.21
CA ILE B 284 18.27 12.81 1.35
C ILE B 284 17.56 13.96 2.02
N CYS B 285 16.37 13.73 2.55
CA CYS B 285 15.70 14.77 3.32
C CYS B 285 16.07 14.75 4.81
N TYR B 286 15.99 13.58 5.44
CA TYR B 286 16.35 13.45 6.84
C TYR B 286 17.61 12.62 6.99
N PRO B 287 18.76 13.28 7.24
CA PRO B 287 20.07 12.66 7.41
C PRO B 287 20.07 11.72 8.61
N GLU B 288 19.45 12.14 9.70
CA GLU B 288 19.38 11.35 10.93
C GLU B 288 18.49 10.11 10.91
N TYR B 289 17.73 9.93 9.83
CA TYR B 289 16.80 8.83 9.76
C TYR B 289 17.56 7.53 9.68
N ALA B 290 17.39 6.69 10.70
CA ALA B 290 18.09 5.42 10.73
C ALA B 290 17.21 4.25 10.30
N GLY B 291 15.93 4.52 10.07
CA GLY B 291 14.99 3.45 9.77
C GLY B 291 15.17 2.91 8.38
N SER B 292 14.16 2.18 7.89
CA SER B 292 14.25 1.57 6.58
C SER B 292 13.51 2.40 5.54
N ASN B 293 13.62 1.97 4.28
CA ASN B 293 12.99 2.70 3.19
C ASN B 293 11.83 1.91 2.64
N THR B 294 11.02 1.47 3.58
CA THR B 294 9.75 0.83 3.23
C THR B 294 8.73 1.96 3.25
N TYR B 295 7.74 1.86 2.38
CA TYR B 295 6.71 2.86 2.32
C TYR B 295 6.24 3.19 3.74
N GLU B 296 5.78 2.16 4.44
CA GLU B 296 5.22 2.26 5.77
C GLU B 296 6.13 2.89 6.82
N GLU B 297 7.37 2.45 6.88
CA GLU B 297 8.23 2.98 7.93
C GLU B 297 8.59 4.45 7.67
N ALA B 298 8.92 4.78 6.41
CA ALA B 298 9.28 6.16 6.03
C ALA B 298 8.10 7.13 6.12
N ALA B 299 6.97 6.79 5.48
CA ALA B 299 5.75 7.60 5.60
C ALA B 299 5.48 7.95 7.04
N ALA B 300 5.79 7.00 7.93
CA ALA B 300 5.47 7.17 9.32
C ALA B 300 6.45 8.14 9.93
N TYR B 301 7.69 8.07 9.48
CA TYR B 301 8.73 8.97 10.01
C TYR B 301 8.35 10.37 9.65
N ILE B 302 7.97 10.55 8.40
CA ILE B 302 7.55 11.85 7.86
C ILE B 302 6.40 12.37 8.68
N GLN B 303 5.37 11.55 8.86
CA GLN B 303 4.24 11.95 9.69
C GLN B 303 4.69 12.44 11.05
N CYS B 304 5.64 11.74 11.64
CA CYS B 304 6.09 12.06 12.97
C CYS B 304 6.79 13.41 12.99
N GLN B 305 7.64 13.63 11.98
CA GLN B 305 8.39 14.87 11.79
C GLN B 305 7.47 16.09 11.76
N PHE B 306 6.42 15.99 10.95
CA PHE B 306 5.42 17.05 10.87
C PHE B 306 4.62 17.26 12.17
N GLU B 307 4.22 16.17 12.82
CA GLU B 307 3.42 16.29 14.01
C GLU B 307 4.19 16.84 15.19
N ASP B 308 5.46 16.49 15.30
CA ASP B 308 6.28 17.02 16.38
C ASP B 308 6.30 18.54 16.35
N LEU B 309 5.97 19.11 15.19
CA LEU B 309 5.98 20.57 15.02
C LEU B 309 4.95 21.25 15.90
N ASN B 310 3.87 20.54 16.21
CA ASN B 310 2.82 21.07 17.06
C ASN B 310 3.39 21.40 18.43
N LYS B 311 3.36 22.68 18.76
CA LYS B 311 3.90 23.18 20.02
C LYS B 311 2.87 23.18 21.14
N ARG B 312 1.66 22.70 20.83
CA ARG B 312 0.63 22.52 21.84
C ARG B 312 -0.05 21.17 21.66
N LYS B 313 0.71 20.10 21.89
CA LYS B 313 0.21 18.74 21.73
C LYS B 313 -0.84 18.40 22.79
N ASP B 314 -0.72 19.05 23.95
CA ASP B 314 -1.65 18.86 25.06
C ASP B 314 -3.02 19.45 24.76
N THR B 315 -3.04 20.53 23.98
CA THR B 315 -4.30 21.18 23.62
C THR B 315 -4.74 20.89 22.20
N LYS B 316 -3.76 20.80 21.29
CA LYS B 316 -4.00 20.80 19.85
C LYS B 316 -3.76 19.43 19.23
N GLU B 317 -4.70 18.98 18.41
CA GLU B 317 -4.56 17.69 17.75
C GLU B 317 -4.60 17.79 16.23
N ILE B 318 -3.56 17.27 15.58
CA ILE B 318 -3.48 17.25 14.13
C ILE B 318 -4.22 16.02 13.65
N TYR B 319 -4.96 16.13 12.56
CA TYR B 319 -5.68 15.00 12.03
C TYR B 319 -5.08 14.50 10.73
N THR B 320 -3.98 13.77 10.86
CA THR B 320 -3.26 13.27 9.72
C THR B 320 -4.02 12.25 8.93
N HIS B 321 -3.76 12.20 7.63
CA HIS B 321 -4.33 11.21 6.72
C HIS B 321 -3.27 11.01 5.64
N PHE B 322 -3.34 9.89 4.93
CA PHE B 322 -2.42 9.56 3.87
C PHE B 322 -3.21 9.45 2.57
N THR B 323 -3.29 10.56 1.88
CA THR B 323 -4.07 10.57 0.66
C THR B 323 -3.22 10.38 -0.59
N CYS B 324 -3.92 10.03 -1.65
CA CYS B 324 -3.42 10.10 -3.00
C CYS B 324 -4.54 10.86 -3.69
N ALA B 325 -4.32 12.18 -3.81
CA ALA B 325 -5.35 13.14 -4.18
C ALA B 325 -5.94 12.96 -5.55
N THR B 326 -5.20 12.29 -6.42
CA THR B 326 -5.71 12.02 -7.76
C THR B 326 -6.68 10.85 -7.72
N ASP B 327 -6.68 10.13 -6.59
CA ASP B 327 -7.53 8.96 -6.39
C ASP B 327 -8.85 9.38 -5.76
N THR B 328 -9.93 9.29 -6.54
CA THR B 328 -11.23 9.71 -6.05
C THR B 328 -11.73 8.90 -4.87
N LYS B 329 -11.55 7.57 -4.93
CA LYS B 329 -11.98 6.68 -3.86
C LYS B 329 -11.23 7.02 -2.59
N ASN B 330 -9.92 7.16 -2.68
CA ASN B 330 -9.16 7.47 -1.50
C ASN B 330 -9.66 8.79 -0.91
N VAL B 331 -9.92 9.76 -1.78
CA VAL B 331 -10.25 11.11 -1.32
C VAL B 331 -11.63 11.10 -0.74
N GLN B 332 -12.56 10.44 -1.43
CA GLN B 332 -13.93 10.28 -0.95
C GLN B 332 -13.91 9.65 0.46
N PHE B 333 -13.24 8.52 0.58
CA PHE B 333 -13.05 7.88 1.85
C PHE B 333 -12.50 8.87 2.89
N VAL B 334 -11.34 9.42 2.62
CA VAL B 334 -10.68 10.30 3.59
C VAL B 334 -11.54 11.52 3.93
N PHE B 335 -12.41 11.89 3.01
CA PHE B 335 -13.20 13.09 3.25
C PHE B 335 -14.32 12.87 4.26
N ASP B 336 -15.04 11.74 4.19
CA ASP B 336 -15.96 11.36 5.25
C ASP B 336 -15.29 11.40 6.64
N ALA B 337 -14.09 10.82 6.74
CA ALA B 337 -13.36 10.79 7.99
C ALA B 337 -13.09 12.19 8.44
N VAL B 338 -12.78 13.05 7.48
CA VAL B 338 -12.45 14.44 7.77
C VAL B 338 -13.69 15.22 8.21
N THR B 339 -14.73 15.19 7.39
CA THR B 339 -15.94 15.89 7.72
C THR B 339 -16.43 15.47 9.11
N ASP B 340 -16.34 14.17 9.41
CA ASP B 340 -16.76 13.63 10.71
C ASP B 340 -16.14 14.37 11.89
N VAL B 341 -14.82 14.48 11.90
CA VAL B 341 -14.11 15.22 12.91
C VAL B 341 -14.62 16.68 12.97
N ILE B 342 -14.99 17.24 11.81
CA ILE B 342 -15.42 18.63 11.76
C ILE B 342 -16.76 18.80 12.45
N ILE B 343 -17.77 18.04 12.03
CA ILE B 343 -19.06 17.99 12.73
C ILE B 343 -18.85 17.85 14.26
N LYS B 344 -18.15 16.81 14.68
CA LYS B 344 -17.92 16.61 16.09
C LYS B 344 -17.23 17.79 16.74
N ASN B 345 -16.26 18.39 16.06
CA ASN B 345 -15.50 19.53 16.60
C ASN B 345 -16.31 20.83 16.61
N ASN B 346 -17.20 20.98 15.63
CA ASN B 346 -18.09 22.13 15.58
C ASN B 346 -19.04 22.09 16.78
N LEU B 347 -19.76 20.98 16.90
CA LEU B 347 -20.67 20.73 18.03
C LEU B 347 -19.97 20.94 19.35
N LYS B 348 -18.75 20.45 19.52
CA LYS B 348 -18.08 20.75 20.76
C LYS B 348 -18.01 22.26 20.92
N ASP B 349 -17.57 22.94 19.86
CA ASP B 349 -17.50 24.42 19.81
C ASP B 349 -18.83 25.10 20.19
N CYS B 350 -19.89 24.77 19.45
CA CYS B 350 -21.23 25.25 19.77
C CYS B 350 -21.76 24.79 21.14
N GLY B 351 -21.02 23.92 21.85
CA GLY B 351 -21.52 23.37 23.10
C GLY B 351 -22.72 22.43 22.92
N LEU B 352 -22.69 21.60 21.90
CA LEU B 352 -23.75 20.64 21.67
C LEU B 352 -23.22 19.19 21.61
N PHE B 353 -22.14 18.93 22.32
CA PHE B 353 -21.60 17.57 22.37
C PHE B 353 -21.98 16.87 23.68
N VAL C 51 5.17 -56.21 -3.50
CA VAL C 51 3.85 -55.60 -3.52
C VAL C 51 3.31 -55.51 -4.95
N SER C 52 2.03 -55.82 -5.13
CA SER C 52 1.39 -55.72 -6.43
C SER C 52 1.52 -54.31 -6.95
N GLN C 53 1.87 -54.17 -8.23
CA GLN C 53 2.00 -52.84 -8.82
C GLN C 53 0.63 -52.15 -8.94
N GLU C 54 -0.40 -52.92 -9.25
CA GLU C 54 -1.75 -52.38 -9.35
C GLU C 54 -2.25 -51.97 -7.96
N GLU C 55 -1.60 -52.50 -6.93
CA GLU C 55 -1.93 -52.13 -5.56
C GLU C 55 -1.29 -50.80 -5.31
N VAL C 56 0.03 -50.75 -5.50
CA VAL C 56 0.80 -49.53 -5.32
C VAL C 56 0.15 -48.34 -6.04
N LYS C 57 -0.43 -48.60 -7.21
CA LYS C 57 -1.10 -47.55 -7.97
C LYS C 57 -2.31 -47.02 -7.21
N LYS C 58 -3.08 -47.93 -6.63
CA LYS C 58 -4.31 -47.58 -5.92
C LYS C 58 -4.05 -46.80 -4.65
N TRP C 59 -2.83 -46.92 -4.14
CA TRP C 59 -2.40 -46.15 -2.98
C TRP C 59 -2.42 -44.66 -3.31
N ALA C 60 -1.99 -44.36 -4.53
CA ALA C 60 -1.89 -43.01 -5.03
C ALA C 60 -3.27 -42.46 -5.37
N GLU C 61 -4.26 -43.34 -5.31
CA GLU C 61 -5.61 -43.06 -5.77
C GLU C 61 -6.46 -42.47 -4.67
N SER C 62 -5.94 -42.53 -3.45
CA SER C 62 -6.70 -42.18 -2.28
C SER C 62 -5.88 -42.45 -1.03
N LEU C 63 -5.95 -41.55 -0.05
CA LEU C 63 -5.22 -41.78 1.21
C LEU C 63 -5.78 -43.01 1.92
N GLU C 64 -7.09 -43.26 1.77
CA GLU C 64 -7.78 -44.43 2.33
C GLU C 64 -7.01 -45.69 1.94
N ASN C 65 -6.85 -45.90 0.64
CA ASN C 65 -6.16 -47.05 0.11
C ASN C 65 -4.78 -47.17 0.72
N LEU C 66 -4.01 -46.09 0.68
CA LEU C 66 -2.64 -46.14 1.16
C LEU C 66 -2.55 -46.68 2.59
N ILE C 67 -3.22 -46.00 3.52
CA ILE C 67 -3.11 -46.33 4.93
C ILE C 67 -3.85 -47.60 5.32
N ASN C 68 -4.84 -48.00 4.52
CA ASN C 68 -5.54 -49.25 4.76
C ASN C 68 -4.77 -50.47 4.29
N HIS C 69 -3.80 -50.27 3.40
CA HIS C 69 -2.90 -51.35 3.04
C HIS C 69 -1.68 -51.28 3.97
N GLU C 70 -1.46 -52.36 4.70
CA GLU C 70 -0.36 -52.50 5.65
C GLU C 70 1.00 -52.06 5.11
N CYS C 71 1.25 -52.34 3.82
CA CYS C 71 2.45 -51.87 3.13
C CYS C 71 2.41 -50.35 2.96
N GLY C 72 1.31 -49.87 2.38
CA GLY C 72 1.11 -48.44 2.22
C GLY C 72 1.34 -47.71 3.52
N LEU C 73 0.50 -48.00 4.51
CA LEU C 73 0.61 -47.38 5.82
C LEU C 73 2.04 -47.39 6.28
N ALA C 74 2.76 -48.45 5.91
CA ALA C 74 4.15 -48.60 6.33
C ALA C 74 4.99 -47.52 5.69
N ALA C 75 4.81 -47.36 4.38
CA ALA C 75 5.52 -46.37 3.60
C ALA C 75 5.22 -44.95 4.07
N PHE C 76 3.92 -44.69 4.23
CA PHE C 76 3.42 -43.37 4.64
C PHE C 76 4.02 -42.97 5.97
N LYS C 77 3.97 -43.88 6.92
CA LYS C 77 4.49 -43.60 8.23
C LYS C 77 5.96 -43.27 8.10
N ALA C 78 6.62 -43.90 7.14
CA ALA C 78 8.07 -43.73 6.93
C ALA C 78 8.34 -42.32 6.45
N PHE C 79 7.49 -41.87 5.53
CA PHE C 79 7.47 -40.50 5.04
C PHE C 79 7.18 -39.47 6.14
N LEU C 80 6.06 -39.61 6.84
CA LEU C 80 5.72 -38.65 7.89
C LEU C 80 6.83 -38.48 8.93
N LYS C 81 7.62 -39.52 9.10
CA LYS C 81 8.65 -39.48 10.11
C LYS C 81 9.70 -38.46 9.67
N SER C 82 9.95 -38.42 8.36
CA SER C 82 10.92 -37.50 7.74
C SER C 82 10.38 -36.07 7.74
N GLU C 83 9.08 -35.91 7.49
CA GLU C 83 8.45 -34.60 7.65
C GLU C 83 8.14 -34.23 9.10
N TYR C 84 8.59 -35.04 10.05
CA TYR C 84 8.25 -34.86 11.48
C TYR C 84 6.74 -34.69 11.84
N SER C 85 5.85 -35.40 11.14
CA SER C 85 4.44 -35.30 11.43
C SER C 85 3.84 -36.70 11.64
N GLU C 86 4.68 -37.66 12.07
CA GLU C 86 4.22 -39.04 12.20
C GLU C 86 3.05 -39.20 13.20
N GLU C 87 2.99 -38.32 14.19
CA GLU C 87 1.92 -38.35 15.18
C GLU C 87 0.56 -38.26 14.58
N ASN C 88 0.47 -37.92 13.30
CA ASN C 88 -0.84 -37.85 12.65
C ASN C 88 -1.31 -39.26 12.32
N ILE C 89 -0.43 -40.06 11.74
CA ILE C 89 -0.82 -41.42 11.38
C ILE C 89 -0.87 -42.30 12.64
N ASP C 90 0.05 -42.08 13.59
CA ASP C 90 0.02 -42.73 14.88
C ASP C 90 -1.31 -42.55 15.60
N PHE C 91 -1.78 -41.31 15.67
CA PHE C 91 -3.07 -41.02 16.28
C PHE C 91 -4.17 -41.74 15.53
N TRP C 92 -4.02 -41.89 14.23
CA TRP C 92 -5.03 -42.53 13.39
C TRP C 92 -5.09 -44.03 13.65
N ILE C 93 -3.92 -44.65 13.76
CA ILE C 93 -3.77 -46.04 14.14
C ILE C 93 -4.42 -46.26 15.54
N SER C 94 -3.99 -45.51 16.53
CA SER C 94 -4.60 -45.52 17.85
C SER C 94 -6.11 -45.47 17.84
N CYS C 95 -6.68 -44.61 17.00
CA CYS C 95 -8.13 -44.50 16.93
C CYS C 95 -8.70 -45.75 16.26
N GLU C 96 -7.92 -46.38 15.38
CA GLU C 96 -8.35 -47.65 14.78
C GLU C 96 -8.33 -48.77 15.81
N GLU C 97 -7.33 -48.75 16.69
CA GLU C 97 -7.26 -49.67 17.81
C GLU C 97 -8.51 -49.46 18.67
N TYR C 98 -8.58 -48.31 19.34
CA TYR C 98 -9.70 -47.97 20.22
C TYR C 98 -11.02 -48.41 19.61
N LYS C 99 -11.23 -48.07 18.34
CA LYS C 99 -12.47 -48.45 17.67
C LYS C 99 -12.73 -49.96 17.78
N LYS C 100 -11.68 -50.76 17.69
CA LYS C 100 -11.77 -52.22 17.81
C LYS C 100 -12.19 -52.77 19.18
N ILE C 101 -11.87 -52.05 20.25
CA ILE C 101 -12.16 -52.48 21.62
C ILE C 101 -13.58 -53.02 21.84
N LYS C 102 -13.66 -54.15 22.54
CA LYS C 102 -14.92 -54.83 22.86
C LYS C 102 -15.16 -54.85 24.36
N SER C 103 -14.10 -55.06 25.14
CA SER C 103 -14.19 -55.07 26.59
C SER C 103 -14.56 -53.71 27.17
N PRO C 104 -15.66 -53.67 27.97
CA PRO C 104 -16.21 -52.47 28.63
C PRO C 104 -15.21 -51.70 29.49
N SER C 105 -14.31 -52.41 30.15
CA SER C 105 -13.39 -51.78 31.08
C SER C 105 -12.12 -51.26 30.44
N LYS C 106 -11.73 -51.83 29.31
CA LYS C 106 -10.51 -51.46 28.59
C LYS C 106 -10.62 -50.07 27.95
N LEU C 107 -11.80 -49.77 27.43
CA LEU C 107 -12.12 -48.53 26.70
C LEU C 107 -11.62 -47.24 27.35
N SER C 108 -11.89 -47.06 28.62
CA SER C 108 -11.58 -45.80 29.26
C SER C 108 -10.11 -45.57 29.45
N PRO C 109 -9.38 -46.55 29.99
CA PRO C 109 -7.94 -46.30 30.16
C PRO C 109 -7.18 -46.11 28.81
N LYS C 110 -7.74 -46.67 27.72
CA LYS C 110 -7.17 -46.54 26.39
C LYS C 110 -7.47 -45.13 25.90
N ALA C 111 -8.76 -44.77 25.88
CA ALA C 111 -9.17 -43.42 25.54
C ALA C 111 -8.33 -42.43 26.31
N LYS C 112 -7.95 -42.78 27.54
CA LYS C 112 -7.19 -41.88 28.39
C LYS C 112 -5.75 -41.88 27.98
N LYS C 113 -5.30 -42.98 27.40
CA LYS C 113 -3.96 -43.05 26.88
C LYS C 113 -3.92 -42.10 25.66
N ILE C 114 -4.79 -42.38 24.67
CA ILE C 114 -4.88 -41.59 23.45
C ILE C 114 -5.03 -40.11 23.71
N TYR C 115 -5.99 -39.70 24.52
CA TYR C 115 -6.14 -38.28 24.80
C TYR C 115 -4.85 -37.74 25.34
N ASN C 116 -4.32 -38.35 26.37
CA ASN C 116 -3.10 -37.88 27.02
C ASN C 116 -1.87 -37.74 26.12
N GLU C 117 -1.84 -38.52 25.04
CA GLU C 117 -0.66 -38.59 24.16
C GLU C 117 -0.83 -37.79 22.87
N PHE C 118 -2.02 -37.85 22.28
CA PHE C 118 -2.29 -37.26 21.00
C PHE C 118 -3.22 -36.06 21.04
N ILE C 119 -3.88 -35.81 22.16
CA ILE C 119 -4.94 -34.80 22.16
C ILE C 119 -4.74 -33.69 23.16
N SER C 120 -4.06 -34.00 24.22
CA SER C 120 -3.78 -33.03 25.23
C SER C 120 -2.93 -31.89 24.70
N VAL C 121 -3.31 -30.69 25.08
CA VAL C 121 -2.51 -29.52 24.82
C VAL C 121 -1.11 -29.75 25.39
N GLN C 122 -0.94 -30.68 26.34
CA GLN C 122 0.41 -31.05 26.78
C GLN C 122 0.90 -32.36 26.19
N ALA C 123 0.12 -32.91 25.26
CA ALA C 123 0.45 -34.17 24.63
C ALA C 123 1.77 -34.13 23.91
N THR C 124 2.79 -34.77 24.46
CA THR C 124 4.08 -34.91 23.75
C THR C 124 3.96 -35.14 22.21
N LYS C 125 2.89 -35.78 21.75
CA LYS C 125 2.72 -36.02 20.31
C LYS C 125 1.41 -35.41 19.91
N GLU C 126 1.11 -34.29 20.55
CA GLU C 126 -0.12 -33.56 20.31
C GLU C 126 -0.36 -33.39 18.84
N VAL C 127 -1.52 -33.83 18.38
CA VAL C 127 -1.93 -33.61 17.02
C VAL C 127 -2.51 -32.19 16.84
N ASN C 128 -2.56 -31.73 15.59
CA ASN C 128 -2.91 -30.34 15.23
C ASN C 128 -4.42 -30.24 15.04
N LEU C 129 -5.10 -29.69 16.04
CA LEU C 129 -6.54 -29.63 16.05
C LEU C 129 -7.01 -28.30 16.59
N ASP C 130 -8.06 -27.79 15.96
CA ASP C 130 -8.67 -26.56 16.43
C ASP C 130 -9.34 -26.76 17.77
N SER C 131 -9.10 -25.83 18.69
CA SER C 131 -9.74 -25.77 19.99
C SER C 131 -11.16 -26.35 20.05
N CYS C 132 -12.01 -26.00 19.09
CA CYS C 132 -13.37 -26.51 19.11
C CYS C 132 -13.38 -28.05 19.01
N THR C 133 -12.52 -28.62 18.18
CA THR C 133 -12.43 -30.08 18.10
C THR C 133 -11.82 -30.70 19.35
N ARG C 134 -10.76 -30.08 19.87
CA ARG C 134 -10.06 -30.56 21.04
C ARG C 134 -10.99 -30.53 22.23
N GLU C 135 -11.85 -29.53 22.29
CA GLU C 135 -12.76 -29.37 23.42
C GLU C 135 -13.97 -30.30 23.33
N GLU C 136 -14.40 -30.60 22.11
CA GLU C 136 -15.44 -31.59 21.86
C GLU C 136 -14.92 -32.89 22.41
N THR C 137 -13.72 -33.27 21.95
CA THR C 137 -13.04 -34.46 22.44
C THR C 137 -12.89 -34.48 23.96
N SER C 138 -12.67 -33.32 24.56
CA SER C 138 -12.53 -33.24 25.99
C SER C 138 -13.80 -33.64 26.75
N ARG C 139 -14.96 -33.19 26.26
CA ARG C 139 -16.24 -33.53 26.89
C ARG C 139 -16.49 -35.02 26.72
N ASN C 140 -16.07 -35.56 25.58
CA ASN C 140 -16.05 -36.98 25.33
C ASN C 140 -15.23 -37.79 26.36
N MET C 141 -14.22 -37.17 26.93
CA MET C 141 -13.41 -37.91 27.88
C MET C 141 -14.14 -38.13 29.17
N LEU C 142 -15.32 -37.55 29.31
CA LEU C 142 -16.05 -37.68 30.55
C LEU C 142 -16.78 -39.03 30.59
N GLU C 143 -17.11 -39.55 29.41
CA GLU C 143 -17.80 -40.81 29.31
C GLU C 143 -17.31 -41.45 28.01
N PRO C 144 -16.05 -41.88 28.01
CA PRO C 144 -15.44 -42.50 26.83
C PRO C 144 -16.20 -43.57 26.08
N THR C 145 -17.01 -43.19 25.10
CA THR C 145 -17.62 -44.19 24.24
C THR C 145 -16.63 -44.59 23.11
N ILE C 146 -17.04 -45.40 22.12
CA ILE C 146 -16.12 -45.72 21.02
C ILE C 146 -16.17 -44.69 19.91
N THR C 147 -17.00 -43.67 20.09
CA THR C 147 -16.97 -42.59 19.12
C THR C 147 -16.31 -41.40 19.77
N CYS C 148 -15.48 -41.66 20.78
CA CYS C 148 -14.82 -40.62 21.58
C CYS C 148 -13.98 -39.63 20.76
N PHE C 149 -13.16 -40.15 19.85
CA PHE C 149 -12.24 -39.37 19.05
C PHE C 149 -12.70 -39.36 17.60
N ASP C 150 -14.00 -39.29 17.38
CA ASP C 150 -14.47 -39.38 16.03
C ASP C 150 -14.31 -38.11 15.22
N GLU C 151 -14.60 -36.97 15.82
CA GLU C 151 -14.37 -35.72 15.15
C GLU C 151 -12.89 -35.49 14.96
N ALA C 152 -12.10 -35.85 15.96
CA ALA C 152 -10.66 -35.63 15.96
C ALA C 152 -9.95 -36.49 14.91
N GLN C 153 -10.30 -37.77 14.84
CA GLN C 153 -9.66 -38.69 13.91
C GLN C 153 -9.99 -38.30 12.47
N LYS C 154 -11.19 -37.79 12.28
CA LYS C 154 -11.66 -37.39 10.97
C LYS C 154 -10.86 -36.15 10.54
N LYS C 155 -10.73 -35.17 11.44
CA LYS C 155 -9.92 -34.00 11.19
C LYS C 155 -8.49 -34.40 10.79
N ILE C 156 -7.71 -34.92 11.71
CA ILE C 156 -6.37 -35.38 11.41
C ILE C 156 -6.23 -36.22 10.14
N PHE C 157 -7.24 -36.97 9.75
CA PHE C 157 -7.15 -37.72 8.50
C PHE C 157 -7.11 -36.71 7.33
N ASN C 158 -8.02 -35.73 7.41
CA ASN C 158 -8.14 -34.64 6.43
C ASN C 158 -6.87 -33.79 6.36
N LEU C 159 -6.25 -33.54 7.51
CA LEU C 159 -4.97 -32.90 7.57
C LEU C 159 -3.97 -33.72 6.77
N MET C 160 -3.89 -35.01 7.03
CA MET C 160 -2.93 -35.83 6.32
C MET C 160 -3.16 -35.92 4.81
N GLU C 161 -4.41 -35.80 4.37
CA GLU C 161 -4.67 -36.06 2.96
C GLU C 161 -4.39 -34.85 2.08
N LYS C 162 -4.75 -33.70 2.61
CA LYS C 162 -4.58 -32.45 1.90
C LYS C 162 -3.11 -32.01 1.90
N ASP C 163 -2.43 -32.13 3.04
CA ASP C 163 -1.04 -31.71 3.15
C ASP C 163 -0.10 -32.88 2.85
N SER C 164 0.35 -33.57 3.89
CA SER C 164 1.29 -34.69 3.81
C SER C 164 1.13 -35.65 2.64
N TYR C 165 -0.06 -36.19 2.50
CA TYR C 165 -0.34 -37.21 1.50
C TYR C 165 0.11 -36.82 0.10
N ARG C 166 -0.27 -35.61 -0.33
CA ARG C 166 0.00 -35.12 -1.67
C ARG C 166 1.51 -35.07 -1.89
N ARG C 167 2.21 -34.66 -0.84
CA ARG C 167 3.64 -34.55 -0.87
C ARG C 167 4.27 -35.93 -0.90
N PHE C 168 3.60 -36.93 -0.30
CA PHE C 168 4.07 -38.32 -0.20
C PHE C 168 4.15 -38.99 -1.58
N LEU C 169 3.09 -38.82 -2.36
CA LEU C 169 2.98 -39.45 -3.68
C LEU C 169 4.00 -38.93 -4.69
N LYS C 170 4.83 -37.97 -4.26
CA LYS C 170 5.89 -37.42 -5.10
C LYS C 170 7.26 -37.75 -4.53
N SER C 171 7.28 -38.21 -3.30
CA SER C 171 8.53 -38.57 -2.63
C SER C 171 8.98 -39.92 -3.15
N ARG C 172 10.15 -40.37 -2.71
CA ARG C 172 10.63 -41.68 -3.09
C ARG C 172 9.90 -42.75 -2.29
N PHE C 173 9.59 -42.45 -1.03
CA PHE C 173 8.83 -43.34 -0.17
C PHE C 173 7.70 -44.05 -0.93
N TYR C 174 7.05 -43.30 -1.82
CA TYR C 174 6.06 -43.88 -2.71
C TYR C 174 6.68 -44.27 -4.04
N LEU C 175 7.38 -43.33 -4.66
CA LEU C 175 7.91 -43.53 -6.01
C LEU C 175 9.00 -44.60 -6.13
N ASP C 176 9.51 -45.09 -5.02
CA ASP C 176 10.53 -46.15 -5.01
C ASP C 176 9.83 -47.48 -5.32
N LEU C 177 8.51 -47.47 -5.19
CA LEU C 177 7.70 -48.63 -5.50
C LEU C 177 7.24 -48.63 -6.96
N THR C 178 7.33 -47.47 -7.60
CA THR C 178 6.81 -47.31 -8.96
C THR C 178 7.89 -47.26 -10.04
N ALA D 60 -12.97 36.11 -24.11
CA ALA D 60 -13.78 34.91 -24.13
C ALA D 60 -13.17 33.85 -25.00
N GLU D 61 -12.47 34.28 -26.06
CA GLU D 61 -11.79 33.35 -26.94
C GLU D 61 -10.27 33.50 -26.89
N SER D 62 -9.78 34.46 -26.11
CA SER D 62 -8.34 34.64 -25.94
C SER D 62 -8.03 35.65 -24.84
N LEU D 63 -7.06 35.35 -24.00
CA LEU D 63 -6.65 36.31 -22.97
C LEU D 63 -6.06 37.55 -23.63
N GLU D 64 -5.43 37.37 -24.81
CA GLU D 64 -4.83 38.48 -25.59
C GLU D 64 -5.88 39.56 -25.81
N ASN D 65 -7.00 39.14 -26.40
CA ASN D 65 -8.11 40.02 -26.70
C ASN D 65 -8.54 40.76 -25.44
N LEU D 66 -8.82 40.00 -24.39
CA LEU D 66 -9.34 40.59 -23.16
C LEU D 66 -8.47 41.73 -22.66
N ILE D 67 -7.20 41.43 -22.40
CA ILE D 67 -6.32 42.42 -21.79
C ILE D 67 -5.87 43.53 -22.74
N ASN D 68 -5.93 43.27 -24.04
CA ASN D 68 -5.59 44.29 -25.03
C ASN D 68 -6.72 45.28 -25.27
N HIS D 69 -7.94 44.90 -24.91
CA HIS D 69 -9.04 45.83 -24.92
C HIS D 69 -9.12 46.50 -23.55
N GLU D 70 -8.98 47.82 -23.53
CA GLU D 70 -9.01 48.63 -22.31
C GLU D 70 -10.19 48.31 -21.39
N CYS D 71 -11.35 48.00 -21.98
CA CYS D 71 -12.52 47.55 -21.22
C CYS D 71 -12.24 46.19 -20.58
N GLY D 72 -11.86 45.23 -21.43
CA GLY D 72 -11.55 43.90 -20.97
C GLY D 72 -10.53 43.94 -19.84
N LEU D 73 -9.34 44.45 -20.14
CA LEU D 73 -8.30 44.59 -19.13
C LEU D 73 -8.88 45.16 -17.85
N ALA D 74 -9.87 46.05 -18.00
CA ALA D 74 -10.49 46.70 -16.85
C ALA D 74 -11.22 45.66 -16.03
N ALA D 75 -12.05 44.86 -16.72
CA ALA D 75 -12.83 43.82 -16.08
C ALA D 75 -11.93 42.77 -15.43
N PHE D 76 -10.93 42.33 -16.18
CA PHE D 76 -10.01 41.31 -15.72
C PHE D 76 -9.32 41.74 -14.46
N LYS D 77 -8.81 42.96 -14.46
CA LYS D 77 -8.10 43.47 -13.30
C LYS D 77 -9.07 43.50 -12.11
N ALA D 78 -10.35 43.71 -12.40
CA ALA D 78 -11.36 43.78 -11.38
C ALA D 78 -11.50 42.42 -10.72
N PHE D 79 -11.54 41.40 -11.57
CA PHE D 79 -11.60 39.99 -11.17
C PHE D 79 -10.36 39.55 -10.37
N LEU D 80 -9.18 39.76 -10.93
CA LEU D 80 -7.96 39.39 -10.23
C LEU D 80 -7.85 40.00 -8.83
N LYS D 81 -8.49 41.14 -8.64
CA LYS D 81 -8.44 41.83 -7.36
C LYS D 81 -9.22 41.00 -6.33
N SER D 82 -10.30 40.38 -6.79
CA SER D 82 -11.13 39.54 -5.95
C SER D 82 -10.41 38.23 -5.65
N GLU D 83 -9.68 37.70 -6.63
CA GLU D 83 -8.89 36.49 -6.39
C GLU D 83 -7.56 36.78 -5.76
N TYR D 84 -7.33 38.02 -5.37
CA TYR D 84 -6.04 38.44 -4.84
C TYR D 84 -4.79 38.12 -5.66
N SER D 85 -4.91 38.17 -6.98
CA SER D 85 -3.77 37.93 -7.85
C SER D 85 -3.58 39.06 -8.86
N GLU D 86 -4.00 40.28 -8.50
CA GLU D 86 -3.94 41.40 -9.43
C GLU D 86 -2.52 41.75 -9.86
N GLU D 87 -1.54 41.45 -9.00
CA GLU D 87 -0.14 41.73 -9.32
C GLU D 87 0.31 41.05 -10.60
N ASN D 88 -0.46 40.11 -11.09
CA ASN D 88 -0.12 39.44 -12.32
C ASN D 88 -0.39 40.35 -13.51
N ILE D 89 -1.56 40.96 -13.53
CA ILE D 89 -1.92 41.86 -14.61
C ILE D 89 -1.20 43.20 -14.48
N ASP D 90 -1.01 43.66 -13.24
CA ASP D 90 -0.22 44.85 -12.97
C ASP D 90 1.19 44.73 -13.52
N PHE D 91 1.79 43.57 -13.36
CA PHE D 91 3.13 43.37 -13.86
C PHE D 91 3.14 43.24 -15.39
N TRP D 92 2.14 42.56 -15.95
CA TRP D 92 2.09 42.38 -17.39
C TRP D 92 1.90 43.71 -18.11
N ILE D 93 1.00 44.52 -17.56
CA ILE D 93 0.75 45.89 -18.02
C ILE D 93 2.05 46.67 -17.86
N SER D 94 2.60 46.69 -16.66
CA SER D 94 3.88 47.32 -16.42
C SER D 94 4.96 46.72 -17.33
N CYS D 95 4.64 45.59 -17.96
CA CYS D 95 5.58 44.98 -18.90
C CYS D 95 5.40 45.52 -20.31
N GLU D 96 4.17 45.89 -20.64
CA GLU D 96 3.90 46.57 -21.90
C GLU D 96 4.49 47.99 -21.90
N GLU D 97 4.29 48.68 -20.78
CA GLU D 97 4.85 49.99 -20.60
C GLU D 97 6.33 49.98 -20.86
N TYR D 98 7.11 49.27 -20.07
CA TYR D 98 8.56 49.22 -20.25
C TYR D 98 8.92 49.09 -21.71
N LYS D 99 8.13 48.29 -22.43
CA LYS D 99 8.40 48.00 -23.83
C LYS D 99 8.39 49.21 -24.76
N LYS D 100 7.76 50.28 -24.30
CA LYS D 100 7.60 51.48 -25.11
C LYS D 100 8.58 52.60 -24.77
N ILE D 101 9.58 52.31 -23.95
CA ILE D 101 10.58 53.30 -23.61
C ILE D 101 11.59 53.58 -24.74
N LYS D 102 11.92 54.86 -24.94
CA LYS D 102 12.83 55.28 -26.01
C LYS D 102 14.16 55.91 -25.52
N SER D 103 14.10 56.62 -24.40
CA SER D 103 15.31 57.21 -23.82
C SER D 103 15.90 56.25 -22.79
N PRO D 104 17.23 56.35 -22.52
CA PRO D 104 17.85 55.47 -21.53
C PRO D 104 17.34 55.82 -20.14
N SER D 105 17.34 57.11 -19.86
CA SER D 105 16.88 57.62 -18.58
C SER D 105 15.39 57.36 -18.37
N LYS D 106 14.80 56.57 -19.28
CA LYS D 106 13.40 56.18 -19.17
C LYS D 106 13.23 54.65 -19.05
N LEU D 107 14.12 53.88 -19.67
CA LEU D 107 14.08 52.40 -19.66
C LEU D 107 14.66 51.79 -18.37
N SER D 108 15.87 52.23 -17.99
CA SER D 108 16.49 51.78 -16.76
C SER D 108 15.65 52.16 -15.51
N PRO D 109 14.84 53.25 -15.58
CA PRO D 109 14.02 53.60 -14.42
C PRO D 109 13.03 52.48 -14.18
N LYS D 110 12.25 52.18 -15.21
CA LYS D 110 11.26 51.10 -15.14
C LYS D 110 11.92 49.74 -14.99
N ALA D 111 13.19 49.66 -15.32
CA ALA D 111 13.94 48.44 -15.06
C ALA D 111 13.99 48.26 -13.54
N LYS D 112 14.78 49.07 -12.85
CA LYS D 112 14.97 48.89 -11.40
C LYS D 112 13.67 48.96 -10.57
N LYS D 113 12.69 49.70 -11.11
CA LYS D 113 11.41 49.83 -10.45
C LYS D 113 10.80 48.45 -10.46
N ILE D 114 10.23 48.09 -11.61
CA ILE D 114 9.54 46.83 -11.87
C ILE D 114 10.13 45.63 -11.18
N TYR D 115 11.43 45.43 -11.31
CA TYR D 115 12.06 44.35 -10.58
C TYR D 115 11.75 44.46 -9.09
N ASN D 116 12.05 45.61 -8.50
CA ASN D 116 11.85 45.83 -7.07
C ASN D 116 10.43 45.58 -6.55
N GLU D 117 9.45 45.72 -7.44
CA GLU D 117 8.05 45.63 -7.05
C GLU D 117 7.38 44.31 -7.41
N PHE D 118 7.70 43.81 -8.59
CA PHE D 118 7.07 42.61 -9.12
C PHE D 118 7.97 41.38 -9.21
N ILE D 119 9.28 41.54 -9.02
CA ILE D 119 10.18 40.43 -9.31
C ILE D 119 11.05 40.05 -8.14
N SER D 120 11.41 41.01 -7.33
CA SER D 120 12.21 40.70 -6.17
C SER D 120 11.51 39.69 -5.27
N VAL D 121 12.32 38.78 -4.76
CA VAL D 121 11.91 37.86 -3.72
C VAL D 121 11.30 38.66 -2.56
N GLN D 122 11.72 39.92 -2.39
CA GLN D 122 11.12 40.83 -1.41
C GLN D 122 10.08 41.79 -1.97
N ALA D 123 9.73 41.58 -3.22
CA ALA D 123 8.73 42.41 -3.88
C ALA D 123 7.38 42.33 -3.23
N THR D 124 6.96 43.39 -2.55
CA THR D 124 5.59 43.46 -2.00
C THR D 124 4.47 42.93 -2.91
N LYS D 125 4.68 42.96 -4.21
CA LYS D 125 3.69 42.43 -5.14
C LYS D 125 4.35 41.41 -6.01
N GLU D 126 5.29 40.68 -5.42
CA GLU D 126 6.06 39.64 -6.09
C GLU D 126 5.19 38.72 -6.89
N VAL D 127 5.51 38.59 -8.17
CA VAL D 127 4.82 37.67 -9.04
C VAL D 127 5.41 36.24 -8.89
N ASN D 128 4.61 35.25 -9.28
CA ASN D 128 4.90 33.83 -9.04
C ASN D 128 5.73 33.30 -10.18
N LEU D 129 7.03 33.17 -9.93
CA LEU D 129 7.98 32.78 -10.96
C LEU D 129 8.98 31.79 -10.45
N ASP D 130 9.30 30.82 -11.28
CA ASP D 130 10.33 29.87 -10.90
C ASP D 130 11.70 30.51 -10.85
N SER D 131 12.43 30.24 -9.78
CA SER D 131 13.81 30.66 -9.58
C SER D 131 14.63 30.87 -10.86
N CYS D 132 14.52 29.95 -11.80
CA CYS D 132 15.29 30.06 -13.04
C CYS D 132 14.85 31.29 -13.82
N THR D 133 13.56 31.56 -13.89
CA THR D 133 13.10 32.78 -14.54
C THR D 133 13.50 34.05 -13.77
N ARG D 134 13.35 34.01 -12.45
CA ARG D 134 13.65 35.16 -11.61
C ARG D 134 15.13 35.50 -11.70
N GLU D 135 15.95 34.48 -11.85
CA GLU D 135 17.39 34.65 -11.87
C GLU D 135 17.89 35.11 -13.24
N GLU D 136 17.17 34.68 -14.28
CA GLU D 136 17.44 35.15 -15.62
C GLU D 136 17.21 36.64 -15.61
N THR D 137 16.01 37.04 -15.16
CA THR D 137 15.66 38.44 -14.99
C THR D 137 16.69 39.24 -14.16
N SER D 138 17.23 38.66 -13.10
CA SER D 138 18.25 39.35 -12.33
C SER D 138 19.44 39.64 -13.22
N ARG D 139 19.70 38.71 -14.14
CA ARG D 139 20.79 38.80 -15.12
C ARG D 139 20.50 39.84 -16.22
N ASN D 140 19.29 39.84 -16.75
CA ASN D 140 18.90 40.84 -17.73
C ASN D 140 18.81 42.27 -17.17
N MET D 141 19.06 42.43 -15.88
CA MET D 141 18.95 43.74 -15.24
C MET D 141 20.31 44.40 -15.18
N LEU D 142 21.36 43.59 -15.29
CA LEU D 142 22.73 44.09 -15.32
C LEU D 142 22.91 45.17 -16.41
N GLU D 143 22.07 45.12 -17.44
CA GLU D 143 22.10 46.08 -18.55
C GLU D 143 20.72 45.96 -19.23
N PRO D 144 19.66 46.43 -18.56
CA PRO D 144 18.29 46.36 -19.11
C PRO D 144 18.17 46.66 -20.59
N THR D 145 17.24 45.97 -21.24
CA THR D 145 16.90 46.21 -22.64
C THR D 145 15.40 46.02 -22.81
N ILE D 146 14.92 45.97 -24.05
CA ILE D 146 13.48 45.77 -24.27
C ILE D 146 13.11 44.30 -24.31
N THR D 147 14.04 43.46 -23.89
CA THR D 147 13.78 42.04 -23.79
C THR D 147 13.97 41.56 -22.34
N CYS D 148 14.34 42.51 -21.47
CA CYS D 148 14.65 42.24 -20.06
C CYS D 148 13.68 41.29 -19.36
N PHE D 149 12.41 41.67 -19.28
CA PHE D 149 11.41 40.86 -18.61
C PHE D 149 10.66 40.03 -19.63
N ASP D 150 11.40 39.52 -20.62
CA ASP D 150 10.79 38.75 -21.70
C ASP D 150 10.19 37.42 -21.22
N GLU D 151 11.02 36.61 -20.58
CA GLU D 151 10.58 35.29 -20.13
C GLU D 151 9.59 35.40 -18.98
N ALA D 152 9.85 36.35 -18.06
CA ALA D 152 8.95 36.65 -16.92
C ALA D 152 7.50 36.97 -17.33
N GLN D 153 7.30 38.03 -18.11
CA GLN D 153 5.96 38.38 -18.55
C GLN D 153 5.39 37.30 -19.44
N LYS D 154 6.27 36.43 -19.96
CA LYS D 154 5.83 35.31 -20.79
C LYS D 154 5.17 34.33 -19.83
N LYS D 155 5.90 34.05 -18.75
CA LYS D 155 5.43 33.17 -17.70
C LYS D 155 4.14 33.69 -17.13
N ILE D 156 4.18 34.86 -16.49
CA ILE D 156 2.97 35.36 -15.84
C ILE D 156 1.78 35.50 -16.76
N PHE D 157 2.03 35.77 -18.03
CA PHE D 157 0.89 35.87 -18.92
C PHE D 157 0.26 34.49 -18.99
N ASN D 158 1.12 33.48 -19.10
CA ASN D 158 0.74 32.07 -19.19
C ASN D 158 0.04 31.60 -17.91
N LEU D 159 0.59 32.03 -16.77
CA LEU D 159 -0.03 31.84 -15.47
C LEU D 159 -1.46 32.39 -15.50
N MET D 160 -1.63 33.64 -15.93
CA MET D 160 -2.97 34.23 -15.96
C MET D 160 -3.93 33.53 -16.90
N GLU D 161 -3.43 32.95 -17.99
CA GLU D 161 -4.35 32.42 -19.01
C GLU D 161 -4.88 31.06 -18.64
N LYS D 162 -3.98 30.23 -18.10
CA LYS D 162 -4.33 28.86 -17.74
C LYS D 162 -5.16 28.82 -16.45
N ASP D 163 -4.78 29.62 -15.45
CA ASP D 163 -5.47 29.66 -14.18
C ASP D 163 -6.59 30.70 -14.16
N SER D 164 -6.27 31.89 -13.64
CA SER D 164 -7.20 33.02 -13.53
C SER D 164 -8.18 33.22 -14.68
N TYR D 165 -7.66 33.37 -15.89
CA TYR D 165 -8.44 33.68 -17.08
C TYR D 165 -9.66 32.79 -17.23
N ARG D 166 -9.43 31.49 -17.18
CA ARG D 166 -10.48 30.50 -17.38
C ARG D 166 -11.59 30.67 -16.36
N ARG D 167 -11.16 31.04 -15.16
CA ARG D 167 -12.06 31.27 -14.04
C ARG D 167 -12.83 32.58 -14.23
N PHE D 168 -12.19 33.54 -14.89
CA PHE D 168 -12.76 34.86 -15.21
C PHE D 168 -13.97 34.76 -16.14
N LEU D 169 -13.83 34.00 -17.21
CA LEU D 169 -14.87 33.87 -18.21
C LEU D 169 -16.14 33.21 -17.70
N LYS D 170 -16.13 32.81 -16.43
CA LYS D 170 -17.31 32.18 -15.82
C LYS D 170 -17.85 33.05 -14.69
N SER D 171 -17.05 34.02 -14.28
CA SER D 171 -17.46 34.93 -13.21
C SER D 171 -18.44 35.94 -13.78
N ARG D 172 -18.96 36.79 -12.92
CA ARG D 172 -19.86 37.84 -13.38
C ARG D 172 -19.06 38.96 -14.04
N PHE D 173 -17.87 39.23 -13.51
CA PHE D 173 -16.97 40.24 -14.08
C PHE D 173 -16.96 40.19 -15.59
N TYR D 174 -17.04 38.99 -16.15
CA TYR D 174 -17.18 38.83 -17.58
C TYR D 174 -18.66 38.65 -17.96
N LEU D 175 -19.33 37.71 -17.31
CA LEU D 175 -20.70 37.38 -17.66
C LEU D 175 -21.72 38.46 -17.37
MG MG E . 1.77 -23.74 5.96
AL ALF F . 0.24 -23.34 8.85
F1 ALF F . -1.22 -22.67 9.59
F2 ALF F . -0.70 -24.08 7.56
F3 ALF F . 1.63 -23.76 7.92
F4 ALF F . 1.20 -22.62 10.04
PB GDP G . 0.76 -20.83 6.93
O1B GDP G . 1.61 -19.93 7.83
O2B GDP G . 1.41 -21.67 5.91
O3B GDP G . -0.20 -21.73 7.65
O3A GDP G . -0.24 -19.78 6.14
PA GDP G . -0.68 -20.14 4.64
O1A GDP G . 0.58 -20.08 3.90
O2A GDP G . -1.37 -21.40 4.36
O5' GDP G . -1.66 -18.96 4.27
C5' GDP G . -2.86 -18.74 4.88
C4' GDP G . -3.93 -18.35 3.86
O4' GDP G . -3.92 -16.98 3.55
C3' GDP G . -3.92 -19.04 2.55
O3' GDP G . -5.20 -19.01 2.04
C2' GDP G . -3.14 -18.03 1.69
O2' GDP G . -3.72 -17.94 0.40
C1' GDP G . -3.50 -16.68 2.19
N9 GDP G . -2.44 -15.57 2.28
C8 GDP G . -1.16 -15.54 2.74
N7 GDP G . -0.58 -14.40 2.83
C5 GDP G . -1.57 -13.56 2.38
C6 GDP G . -1.55 -12.14 2.24
O6 GDP G . -0.62 -11.37 2.48
N1 GDP G . -2.80 -11.67 1.76
C2 GDP G . -3.90 -12.47 1.46
N2 GDP G . -5.02 -11.93 1.06
N3 GDP G . -3.91 -13.78 1.58
C4 GDP G . -2.70 -14.26 2.04
C1 CIT H . -6.57 7.57 5.66
O1 CIT H . -5.38 7.80 5.65
O2 CIT H . -7.39 8.22 6.34
C2 CIT H . -7.11 6.44 4.84
C3 CIT H . -6.17 5.65 3.93
O7 CIT H . -5.98 6.39 2.74
C4 CIT H . -6.89 4.34 3.63
C5 CIT H . -6.51 3.65 2.35
O3 CIT H . -5.49 2.95 2.42
O4 CIT H . -7.29 3.85 1.34
C6 CIT H . -4.76 5.37 4.51
O5 CIT H . -3.80 5.26 3.70
O6 CIT H . -4.66 5.25 5.75
MG MG I . -3.33 24.87 -6.96
AL ALF J . -0.10 25.54 -6.52
F1 ALF J . 1.49 25.02 -6.97
F2 ALF J . -0.67 25.33 -8.17
F3 ALF J . -1.79 25.76 -6.16
F4 ALF J . 0.38 25.74 -4.86
PB GDP K . -1.26 22.69 -5.85
O1B GDP K . -0.95 22.55 -4.39
O2B GDP K . -2.68 23.02 -6.21
O3B GDP K . -0.30 23.56 -6.57
O3A GDP K . -0.96 21.21 -6.53
PA GDP K . -1.91 20.69 -7.74
O1A GDP K . -3.22 20.53 -7.14
O2A GDP K . -1.94 21.52 -8.95
O5' GDP K . -1.27 19.27 -8.09
C5' GDP K . 0.05 19.13 -8.56
C4' GDP K . 0.08 18.03 -9.65
O4' GDP K . 0.18 16.68 -9.12
C3' GDP K . -1.07 17.99 -10.59
O3' GDP K . -0.56 17.38 -11.79
C2' GDP K . -1.96 16.88 -9.93
O2' GDP K . -2.57 15.99 -10.90
C1' GDP K . -1.01 15.92 -9.31
N9 GDP K . -1.31 15.28 -7.98
C8 GDP K . -1.79 15.79 -6.81
N7 GDP K . -1.84 14.99 -5.81
C5 GDP K . -1.35 13.81 -6.35
C6 GDP K . -1.18 12.56 -5.74
O6 GDP K . -1.41 12.28 -4.56
N1 GDP K . -0.64 11.62 -6.68
C2 GDP K . -0.34 11.88 -8.01
N2 GDP K . 0.22 10.93 -8.74
N3 GDP K . -0.52 13.05 -8.54
C4 GDP K . -1.02 13.98 -7.67
C1 CIT L . 9.22 -3.76 1.61
O1 CIT L . 8.51 -3.68 2.58
O2 CIT L . 10.36 -4.20 1.65
C2 CIT L . 8.70 -3.27 0.29
C3 CIT L . 7.25 -2.81 0.12
O7 CIT L . 6.44 -3.97 0.03
C4 CIT L . 7.21 -2.02 -1.19
C5 CIT L . 5.87 -1.94 -1.85
O3 CIT L . 5.08 -1.06 -1.43
O4 CIT L . 5.68 -2.76 -2.79
C6 CIT L . 6.73 -1.97 1.31
O5 CIT L . 5.50 -2.06 1.59
O6 CIT L . 7.53 -1.24 1.91
#